data_5WBJ
#
_entry.id   5WBJ
#
_cell.length_a   89.100
_cell.length_b   113.100
_cell.length_c   153.500
_cell.angle_alpha   90.00
_cell.angle_beta   90.00
_cell.angle_gamma   90.00
#
_symmetry.space_group_name_H-M   'P 21 21 21'
#
loop_
_entity.id
_entity.type
_entity.pdbx_description
1 polymer 'Regulatory-associated protein of TOR 1'
2 polymer 'Eukaryotic translation initiation factor 4E-binding protein 1'
#
loop_
_entity_poly.entity_id
_entity_poly.type
_entity_poly.pdbx_seq_one_letter_code
_entity_poly.pdbx_strand_id
1 'polypeptide(L)'
;SVDMALGDLMVSRFSQSSVSLVSNHRYDEDCVSSHDDGDSRRKDSEAKSSSSYGNGTTEGAATATSMAYLPQTIVLCELR
HDASEASAPLGTSEIVLVPKWRLKERMKTGCVALVLCLNITVDPPDVIKISPCARIEAWIDPFSMAPPKALETIGKNLST
QYERWQPRARYKVQLDPTVDEVRKLCLTCRKYAKTERVLFHYNGHGVPKPTANGEIWVFNKSYTQYIPLPISELDSWLKT
PSIYVFDCSAARMILNAFAELHDWGSSGSSGSSRDCILLAACDVHETLPQSVEFPADVFTSCLTTPIKMALKWFCRRSLL
KEIIDESLIDRIPGRQNDRKTLLGELNWIFTAVTDTIAWNVLPHELFQRLFRQDLLVASLFRNFLLAERIMRSANCNPIS
HPMLPPTHQHHMWDAWDMAAEICLSQLPQLVLDPSTEFQPSPFFTEQLTAFEVWLDHGSEHKKPPEQLPIVLQVLLSQCH
RFRALVLLGRFLDMGSWAVDLALSVGIFPYVLKLLQTTTNELRQILVFIWTKILALDKSCQIDLVKDGGHTYFIRFLDSS
GAFPEQRAMAAFVLAVIVDGHRRGQEACLEANLIGVCLGHLEASRPSDPQPEPLFLQWLCLCLGKLWEDFMEAQIMGREA
NAFEKLAPLLSEPQPEVRAAAVFALGTLLDIGFDSNKSVVEDEFDDDEKIRAEDAIIKSLLDVVSDGSPLVRAEVAVALA
RFAFGHKQHLKLAAASYWKPQSSSLLTSLPSIAKFHDPGSATIVSLHMSPLTRASTDSQPVARESRISSSPLGSSGLMQG
SPLSDDSSLHSDSGMMHDSVSNGAVHQPRLLDNAVYSQCVRAMFALAKDPSPRIASLGRRVLSIIGIEQVVAKPSKPTGR
PGEAADSGLADPLLGASGSERSLLPLSTIYGWSCGHFSKPLLGGADASQEIAAKREEKEKFALEHIAKCQHSSISKLNNN
PIANWDTRFETGTKTALLHPFSPIVVAADENERIRVWNYEEATLLNGFDNHDFPDKGISKLCLINELDDSLLLVASCDGS
VRIWKNYATKGKQKLVTGFSSIQGHKPGARDLNAVVDWQQQSGYLYASGETSTVTLWDLEKEQLVRSVPSESECGVTALS
ASQVHGGQLAAGFADGSLRLYDVRSPEPLVCATRPHQKVERVVGLSFQPGLDPAKVVSASQAGDIQFLDLRTTRDTYLTI
DAHRGSLTALAVHRHAPIIASGSAKQLIKVFSLQGEQLGIIRYYPSFMAQKIGSVSCLTFHPYQVLLAAGAADSFVSIYT
HDNSQAR
;
A
2 'polypeptide(L)' RNSPEDKRAGGEESQFEMDI T
#
# COMPACT_ATOMS: atom_id res chain seq x y z
N ALA A 64 11.40 -33.34 -22.23
CA ALA A 64 12.63 -33.78 -22.96
C ALA A 64 13.26 -32.62 -23.78
N THR A 65 13.77 -32.87 -25.00
CA THR A 65 14.53 -31.88 -25.80
C THR A 65 13.69 -30.71 -26.28
N SER A 66 12.41 -30.97 -26.56
CA SER A 66 11.48 -29.93 -27.03
C SER A 66 11.10 -28.88 -25.98
N MET A 67 11.65 -28.99 -24.76
CA MET A 67 11.66 -27.87 -23.81
C MET A 67 12.54 -26.70 -24.26
N ALA A 68 13.41 -26.93 -25.25
CA ALA A 68 14.14 -25.85 -25.92
C ALA A 68 13.25 -24.91 -26.74
N TYR A 69 12.13 -25.44 -27.24
CA TYR A 69 11.11 -24.64 -27.94
C TYR A 69 10.20 -23.84 -26.99
N LEU A 70 10.23 -24.16 -25.71
CA LEU A 70 9.16 -23.84 -24.77
C LEU A 70 9.73 -23.19 -23.49
N PRO A 71 10.17 -21.91 -23.59
CA PRO A 71 10.92 -21.29 -22.49
C PRO A 71 10.05 -20.85 -21.32
N GLN A 72 10.61 -20.89 -20.12
CA GLN A 72 9.93 -20.42 -18.89
C GLN A 72 10.24 -18.96 -18.54
N THR A 73 11.15 -18.32 -19.30
CA THR A 73 11.52 -16.92 -19.07
C THR A 73 10.33 -16.00 -19.37
N ILE A 74 9.69 -15.52 -18.31
CA ILE A 74 8.70 -14.45 -18.42
C ILE A 74 9.48 -13.13 -18.30
N VAL A 75 8.96 -12.08 -18.94
CA VAL A 75 9.61 -10.78 -18.96
C VAL A 75 8.55 -9.64 -18.95
N LEU A 76 8.88 -8.53 -18.29
CA LEU A 76 8.01 -7.32 -18.19
C LEU A 76 6.63 -7.56 -17.55
N CYS A 77 6.59 -8.46 -16.56
CA CYS A 77 5.37 -8.77 -15.80
C CYS A 77 5.54 -8.49 -14.29
N GLU A 78 6.46 -7.59 -13.95
CA GLU A 78 6.69 -7.16 -12.57
C GLU A 78 5.73 -6.04 -12.18
N LEU A 79 5.74 -5.72 -10.88
CA LEU A 79 4.89 -4.64 -10.32
C LEU A 79 5.21 -3.25 -10.90
N ARG A 80 6.45 -3.05 -11.37
CA ARG A 80 6.81 -1.80 -12.05
C ARG A 80 6.27 -1.67 -13.49
N HIS A 81 5.63 -2.73 -13.99
CA HIS A 81 5.01 -2.74 -15.31
C HIS A 81 3.48 -2.84 -15.20
N ASP A 82 2.91 -2.33 -14.10
CA ASP A 82 1.52 -2.65 -13.68
C ASP A 82 0.43 -2.27 -14.69
N ALA A 83 -0.71 -2.96 -14.58
CA ALA A 83 -1.74 -3.01 -15.61
C ALA A 83 -2.91 -1.99 -15.49
N SER A 84 -4.14 -2.47 -15.20
CA SER A 84 -5.37 -1.72 -15.53
C SER A 84 -5.71 -0.56 -14.59
N GLU A 85 -6.02 -0.88 -13.34
CA GLU A 85 -6.46 0.11 -12.34
C GLU A 85 -5.39 1.17 -12.09
N ALA A 86 -4.17 0.71 -11.84
CA ALA A 86 -3.05 1.59 -11.52
C ALA A 86 -2.15 1.84 -12.72
N SER A 87 -2.06 3.11 -13.14
CA SER A 87 -0.89 3.63 -13.88
C SER A 87 0.13 4.22 -12.88
N ALA A 88 -0.08 3.91 -11.58
CA ALA A 88 0.91 4.05 -10.50
C ALA A 88 2.39 3.83 -10.87
N PRO A 89 2.75 2.66 -11.48
CA PRO A 89 4.16 2.32 -11.79
C PRO A 89 5.01 3.47 -12.34
N LEU A 90 5.35 4.40 -11.44
CA LEU A 90 5.98 5.69 -11.76
C LEU A 90 5.22 6.55 -12.76
N GLY A 91 5.62 7.81 -12.82
CA GLY A 91 4.92 8.82 -13.57
C GLY A 91 4.02 9.53 -12.59
N THR A 92 2.98 8.84 -12.13
CA THR A 92 1.97 9.42 -11.25
C THR A 92 2.47 9.45 -9.81
N SER A 93 2.05 10.48 -9.06
CA SER A 93 2.47 10.69 -7.68
C SER A 93 1.74 9.68 -6.79
N GLU A 94 2.24 9.51 -5.56
CA GLU A 94 1.66 8.53 -4.65
C GLU A 94 0.28 8.94 -4.12
N ILE A 95 -0.50 7.92 -3.75
CA ILE A 95 -1.88 8.10 -3.28
C ILE A 95 -1.87 8.83 -1.94
N VAL A 96 -2.42 10.04 -1.90
CA VAL A 96 -2.45 10.85 -0.67
C VAL A 96 -3.59 10.37 0.23
N LEU A 97 -3.36 10.47 1.54
CA LEU A 97 -4.29 9.98 2.58
C LEU A 97 -4.98 11.13 3.29
N VAL A 98 -6.20 10.88 3.76
CA VAL A 98 -6.97 11.85 4.55
C VAL A 98 -7.57 11.13 5.79
N PRO A 99 -6.84 11.14 6.94
CA PRO A 99 -7.30 10.36 8.11
C PRO A 99 -8.50 10.96 8.88
N LYS A 100 -9.18 10.09 9.63
CA LYS A 100 -10.36 10.43 10.43
C LYS A 100 -10.24 10.00 11.91
N TRP A 101 -9.02 9.69 12.36
CA TRP A 101 -8.75 9.28 13.76
C TRP A 101 -8.14 10.44 14.57
N ARG A 102 -8.46 11.67 14.17
CA ARG A 102 -7.83 12.87 14.69
C ARG A 102 -8.73 13.64 15.65
N LEU A 103 -8.76 13.19 16.91
CA LEU A 103 -9.12 14.05 18.02
C LEU A 103 -7.79 14.35 18.73
N LYS A 104 -7.37 15.61 18.63
CA LYS A 104 -6.14 16.09 19.23
C LYS A 104 -6.30 16.21 20.73
N GLU A 105 -7.40 16.84 21.12
CA GLU A 105 -7.61 17.27 22.50
C GLU A 105 -7.82 16.08 23.42
N ARG A 106 -6.75 15.68 24.08
CA ARG A 106 -6.82 14.98 25.35
C ARG A 106 -7.55 15.98 26.25
N MET A 107 -8.83 15.71 26.51
CA MET A 107 -9.66 16.60 27.32
C MET A 107 -9.58 16.23 28.80
N LYS A 108 -9.62 17.24 29.65
CA LYS A 108 -9.45 17.10 31.09
C LYS A 108 -10.72 17.55 31.79
N THR A 109 -11.23 16.73 32.72
CA THR A 109 -12.25 17.19 33.66
C THR A 109 -11.54 17.71 34.91
N GLY A 110 -11.31 19.03 34.93
CA GLY A 110 -10.47 19.67 35.94
C GLY A 110 -11.14 20.12 37.24
N CYS A 111 -12.48 20.14 37.24
CA CYS A 111 -13.26 20.50 38.43
C CYS A 111 -14.45 19.55 38.60
N VAL A 112 -14.82 19.28 39.85
CA VAL A 112 -15.95 18.38 40.18
C VAL A 112 -16.80 18.98 41.28
N ALA A 113 -18.11 18.99 41.07
CA ALA A 113 -19.06 19.54 42.03
C ALA A 113 -19.97 18.43 42.52
N LEU A 114 -19.73 17.96 43.74
CA LEU A 114 -20.60 16.98 44.38
C LEU A 114 -21.70 17.69 45.16
N VAL A 115 -22.96 17.32 44.87
CA VAL A 115 -24.14 17.84 45.55
C VAL A 115 -24.91 16.66 46.14
N LEU A 116 -25.29 16.76 47.41
CA LEU A 116 -25.89 15.65 48.17
C LEU A 116 -27.16 16.08 48.89
N CYS A 117 -28.30 15.89 48.23
CA CYS A 117 -29.61 16.18 48.83
C CYS A 117 -30.20 14.94 49.50
N LEU A 118 -29.70 14.64 50.70
CA LEU A 118 -30.22 13.55 51.55
C LEU A 118 -30.50 14.06 52.95
N ASN A 119 -31.74 14.50 53.16
CA ASN A 119 -32.25 14.81 54.48
C ASN A 119 -32.37 13.47 55.22
N ILE A 120 -31.60 13.29 56.29
CA ILE A 120 -31.49 11.98 56.95
C ILE A 120 -32.59 11.81 58.00
N THR A 121 -33.25 10.65 57.94
CA THR A 121 -34.50 10.35 58.68
C THR A 121 -35.61 11.40 58.43
N VAL A 122 -35.67 11.89 57.18
CA VAL A 122 -36.78 12.70 56.66
C VAL A 122 -36.98 12.27 55.20
N ASP A 123 -37.72 11.18 55.04
CA ASP A 123 -37.99 10.61 53.72
C ASP A 123 -38.95 11.55 52.97
N PRO A 124 -38.66 11.86 51.69
CA PRO A 124 -39.58 12.70 50.93
C PRO A 124 -40.91 11.99 50.64
N PRO A 125 -42.01 12.76 50.45
CA PRO A 125 -43.35 12.18 50.45
C PRO A 125 -43.79 11.60 49.10
N ASP A 126 -42.91 10.82 48.46
CA ASP A 126 -43.10 10.37 47.09
C ASP A 126 -43.49 8.89 47.01
N VAL A 127 -42.73 8.02 47.68
CA VAL A 127 -43.14 6.60 47.83
C VAL A 127 -42.74 5.97 49.18
N ILE A 128 -41.43 5.77 49.36
CA ILE A 128 -40.81 4.79 50.31
C ILE A 128 -41.67 3.52 50.58
N LYS A 129 -42.28 3.41 51.76
CA LYS A 129 -43.11 2.27 52.18
C LYS A 129 -42.39 1.03 52.77
N ILE A 130 -41.20 0.68 52.27
CA ILE A 130 -40.59 -0.63 52.60
C ILE A 130 -39.97 -0.64 54.01
N SER A 131 -40.17 -1.77 54.71
CA SER A 131 -39.72 -1.97 56.10
C SER A 131 -38.24 -2.38 56.22
N PRO A 132 -37.76 -3.29 55.34
CA PRO A 132 -36.31 -3.45 55.15
C PRO A 132 -35.54 -2.26 54.54
N CYS A 133 -36.22 -1.37 53.81
CA CYS A 133 -35.64 -0.50 52.73
C CYS A 133 -34.15 -0.12 52.79
N ALA A 134 -33.50 -0.09 51.62
CA ALA A 134 -32.07 0.22 51.51
C ALA A 134 -31.80 1.69 51.78
N ARG A 135 -30.72 1.97 52.51
CA ARG A 135 -30.26 3.35 52.70
C ARG A 135 -28.75 3.48 52.96
N ILE A 136 -27.94 2.54 52.43
CA ILE A 136 -26.47 2.69 52.50
C ILE A 136 -26.06 3.67 51.41
N GLU A 137 -25.13 4.57 51.72
CA GLU A 137 -24.61 5.55 50.74
C GLU A 137 -23.13 5.87 50.96
N ALA A 138 -22.40 5.96 49.85
CA ALA A 138 -20.93 5.94 49.82
C ALA A 138 -20.36 4.78 50.66
N TRP A 139 -21.07 3.66 50.68
CA TRP A 139 -20.75 2.51 51.55
C TRP A 139 -20.62 2.88 53.04
N ILE A 140 -21.60 3.65 53.53
CA ILE A 140 -21.74 4.01 54.95
C ILE A 140 -23.22 3.85 55.32
N ASP A 141 -23.49 3.40 56.53
CA ASP A 141 -24.85 3.42 57.08
C ASP A 141 -25.06 4.82 57.65
N PRO A 142 -25.96 5.63 57.04
CA PRO A 142 -26.22 6.99 57.53
C PRO A 142 -27.01 7.03 58.85
N PHE A 143 -27.65 5.92 59.20
CA PHE A 143 -28.24 5.74 60.51
C PHE A 143 -27.23 5.16 61.53
N SER A 144 -25.93 5.26 61.27
CA SER A 144 -24.90 4.82 62.24
C SER A 144 -24.05 5.95 62.87
N MET A 145 -24.24 7.20 62.43
CA MET A 145 -23.45 8.34 62.94
C MET A 145 -24.25 9.59 63.38
N ALA A 146 -25.58 9.52 63.35
CA ALA A 146 -26.46 10.71 63.45
C ALA A 146 -26.29 11.64 62.24
N PRO A 147 -27.33 12.43 61.90
CA PRO A 147 -27.32 13.22 60.65
C PRO A 147 -26.02 13.96 60.27
N PRO A 148 -25.58 14.97 61.06
CA PRO A 148 -24.54 15.88 60.56
C PRO A 148 -23.16 15.24 60.31
N LYS A 149 -22.76 14.25 61.11
CA LYS A 149 -21.50 13.53 60.88
C LYS A 149 -21.63 12.42 59.83
N ALA A 150 -22.81 11.81 59.74
CA ALA A 150 -23.10 10.85 58.66
C ALA A 150 -22.96 11.52 57.29
N LEU A 151 -23.58 12.69 57.16
CA LEU A 151 -23.57 13.45 55.92
C LEU A 151 -22.19 14.02 55.56
N GLU A 152 -21.38 14.31 56.58
CA GLU A 152 -19.96 14.64 56.37
C GLU A 152 -19.22 13.47 55.74
N THR A 153 -19.27 12.33 56.42
CA THR A 153 -18.57 11.10 56.01
C THR A 153 -18.95 10.67 54.59
N ILE A 154 -20.25 10.71 54.28
CA ILE A 154 -20.76 10.37 52.94
C ILE A 154 -20.14 11.31 51.90
N GLY A 155 -20.09 12.60 52.21
CA GLY A 155 -19.46 13.60 51.34
C GLY A 155 -17.99 13.33 51.08
N LYS A 156 -17.26 13.00 52.15
CA LYS A 156 -15.82 12.68 52.07
C LYS A 156 -15.57 11.43 51.24
N ASN A 157 -16.23 10.33 51.62
CA ASN A 157 -16.06 9.04 50.96
C ASN A 157 -16.39 9.13 49.48
N LEU A 158 -17.52 9.76 49.16
CA LEU A 158 -17.95 9.91 47.78
C LEU A 158 -16.95 10.66 46.91
N SER A 159 -16.32 11.71 47.46
CA SER A 159 -15.29 12.44 46.69
C SER A 159 -14.02 11.59 46.57
N THR A 160 -13.57 10.99 47.67
CA THR A 160 -12.48 10.01 47.64
C THR A 160 -12.74 8.90 46.62
N GLN A 161 -14.01 8.49 46.48
CA GLN A 161 -14.40 7.51 45.47
C GLN A 161 -14.16 8.03 44.04
N TYR A 162 -14.69 9.22 43.73
CA TYR A 162 -14.50 9.88 42.41
C TYR A 162 -13.03 10.23 42.15
N GLU A 163 -12.37 10.73 43.19
CA GLU A 163 -10.96 11.13 43.15
C GLU A 163 -10.01 10.03 42.65
N ARG A 164 -10.34 8.76 42.88
CA ARG A 164 -9.51 7.65 42.39
C ARG A 164 -9.48 7.55 40.84
N TRP A 165 -10.54 8.05 40.19
CA TRP A 165 -10.62 8.06 38.72
C TRP A 165 -10.00 9.30 38.09
N GLN A 166 -10.06 10.43 38.79
CA GLN A 166 -9.39 11.66 38.35
C GLN A 166 -8.77 12.38 39.56
N PRO A 167 -7.56 11.96 39.99
CA PRO A 167 -6.94 12.53 41.19
C PRO A 167 -6.42 13.97 41.04
N ARG A 168 -6.21 14.42 39.80
CA ARG A 168 -5.75 15.78 39.55
C ARG A 168 -6.85 16.64 38.90
N ALA A 169 -8.01 16.60 39.54
CA ALA A 169 -9.05 17.61 39.40
C ALA A 169 -9.27 18.17 40.80
N ARG A 170 -10.06 19.25 40.89
CA ARG A 170 -10.43 19.81 42.19
C ARG A 170 -11.88 19.50 42.51
N TYR A 171 -12.11 19.10 43.76
CA TYR A 171 -13.37 18.53 44.21
C TYR A 171 -14.02 19.43 45.25
N LYS A 172 -15.30 19.70 45.06
CA LYS A 172 -16.07 20.55 45.96
C LYS A 172 -17.38 19.83 46.29
N VAL A 173 -17.61 19.62 47.59
CA VAL A 173 -18.80 18.95 48.10
C VAL A 173 -19.74 19.98 48.69
N GLN A 174 -21.06 19.78 48.50
CA GLN A 174 -22.09 20.58 49.20
C GLN A 174 -23.30 19.76 49.64
N LEU A 175 -23.52 19.76 50.96
CA LEU A 175 -24.43 18.85 51.66
C LEU A 175 -25.77 19.52 51.98
N ASP A 176 -26.87 18.95 51.49
CA ASP A 176 -28.21 19.51 51.67
C ASP A 176 -28.24 21.03 51.45
N PRO A 177 -27.94 21.48 50.20
CA PRO A 177 -27.71 22.90 49.96
C PRO A 177 -28.95 23.69 49.58
N THR A 178 -28.81 25.02 49.61
CA THR A 178 -29.83 25.95 49.11
C THR A 178 -29.60 26.07 47.61
N VAL A 179 -30.54 26.69 46.91
CA VAL A 179 -30.36 27.00 45.50
C VAL A 179 -29.16 27.92 45.30
N ASP A 180 -29.07 28.97 46.12
CA ASP A 180 -27.97 29.94 46.04
C ASP A 180 -26.59 29.34 46.30
N GLU A 181 -26.53 28.34 47.18
CA GLU A 181 -25.28 27.61 47.41
C GLU A 181 -24.86 26.89 46.13
N VAL A 182 -25.83 26.24 45.46
CA VAL A 182 -25.59 25.51 44.21
C VAL A 182 -25.26 26.47 43.06
N ARG A 183 -25.91 27.64 43.04
CA ARG A 183 -25.57 28.70 42.09
C ARG A 183 -24.07 29.01 42.15
N LYS A 184 -23.59 29.27 43.37
CA LYS A 184 -22.16 29.56 43.63
C LYS A 184 -21.26 28.38 43.33
N LEU A 185 -21.67 27.17 43.73
CA LEU A 185 -20.88 25.96 43.47
C LEU A 185 -20.53 25.88 41.99
N CYS A 186 -21.55 25.98 41.14
CA CYS A 186 -21.42 25.85 39.68
C CYS A 186 -20.74 27.03 39.01
N LEU A 187 -21.07 28.24 39.45
CA LEU A 187 -20.37 29.43 38.97
C LEU A 187 -18.86 29.35 39.26
N THR A 188 -18.49 28.88 40.45
CA THR A 188 -17.07 28.76 40.85
C THR A 188 -16.33 27.68 40.06
N CYS A 189 -17.00 26.56 39.78
CA CYS A 189 -16.40 25.47 39.02
C CYS A 189 -16.11 25.80 37.55
N ARG A 190 -16.85 26.77 37.00
CA ARG A 190 -16.50 27.37 35.69
C ARG A 190 -15.19 28.13 35.75
N LYS A 191 -15.11 29.09 36.67
CA LYS A 191 -13.92 29.94 36.83
C LYS A 191 -12.63 29.13 37.03
N TYR A 192 -12.72 28.00 37.75
CA TYR A 192 -11.55 27.15 37.98
C TYR A 192 -11.13 26.49 36.66
N ALA A 193 -12.04 25.71 36.08
CA ALA A 193 -11.79 24.94 34.87
C ALA A 193 -12.46 25.63 33.70
N LYS A 194 -11.79 26.58 33.09
CA LYS A 194 -12.42 27.42 32.05
C LYS A 194 -12.82 26.64 30.79
N THR A 195 -11.84 26.19 30.01
CA THR A 195 -12.09 25.29 28.86
C THR A 195 -12.25 23.85 29.34
N GLU A 196 -11.69 23.53 30.51
CA GLU A 196 -11.70 22.16 31.00
C GLU A 196 -13.08 21.79 31.51
N ARG A 197 -13.37 20.49 31.48
CA ARG A 197 -14.72 20.00 31.73
C ARG A 197 -15.05 20.09 33.22
N VAL A 198 -16.33 20.25 33.51
CA VAL A 198 -16.84 20.23 34.89
C VAL A 198 -17.77 19.04 35.04
N LEU A 199 -17.66 18.35 36.18
CA LEU A 199 -18.53 17.23 36.51
C LEU A 199 -19.48 17.63 37.63
N PHE A 200 -20.77 17.50 37.36
CA PHE A 200 -21.82 17.79 38.35
C PHE A 200 -22.49 16.48 38.77
N HIS A 201 -22.26 16.08 40.01
CA HIS A 201 -22.90 14.93 40.61
C HIS A 201 -24.05 15.42 41.50
N TYR A 202 -25.26 14.93 41.25
CA TYR A 202 -26.42 15.27 42.04
C TYR A 202 -27.09 14.00 42.58
N ASN A 203 -27.44 14.03 43.86
CA ASN A 203 -28.04 12.89 44.57
C ASN A 203 -29.29 13.36 45.30
N GLY A 204 -30.45 13.08 44.71
CA GLY A 204 -31.73 13.49 45.27
C GLY A 204 -32.49 12.34 45.87
N HIS A 205 -31.92 11.72 46.90
CA HIS A 205 -32.55 10.59 47.61
C HIS A 205 -33.44 11.03 48.78
N GLY A 206 -33.10 12.16 49.40
CA GLY A 206 -33.90 12.74 50.49
C GLY A 206 -34.77 13.93 50.10
N VAL A 207 -34.87 14.18 48.79
CA VAL A 207 -35.75 15.22 48.21
C VAL A 207 -36.71 14.56 47.21
N PRO A 208 -37.79 15.27 46.81
CA PRO A 208 -38.72 14.66 45.83
C PRO A 208 -38.14 14.48 44.42
N LYS A 209 -38.92 13.86 43.55
CA LYS A 209 -38.42 13.41 42.26
C LYS A 209 -38.41 14.57 41.28
N PRO A 210 -37.48 14.57 40.29
CA PRO A 210 -37.50 15.62 39.27
C PRO A 210 -38.83 15.73 38.55
N THR A 211 -39.09 16.92 38.03
CA THR A 211 -40.40 17.23 37.45
C THR A 211 -40.39 17.08 35.94
N ALA A 212 -41.58 17.12 35.35
CA ALA A 212 -41.75 17.23 33.89
C ALA A 212 -41.49 18.66 33.39
N ASN A 213 -41.65 19.65 34.26
CA ASN A 213 -41.24 21.03 33.95
C ASN A 213 -39.71 21.21 33.92
N GLY A 214 -38.95 20.17 34.27
CA GLY A 214 -37.50 20.18 34.12
C GLY A 214 -36.86 20.83 35.34
N GLU A 215 -36.92 20.12 36.45
CA GLU A 215 -36.51 20.67 37.75
C GLU A 215 -35.80 19.63 38.60
N ILE A 216 -34.78 20.10 39.30
CA ILE A 216 -34.12 19.38 40.36
C ILE A 216 -34.67 19.98 41.66
N TRP A 217 -34.68 19.19 42.74
CA TRP A 217 -35.09 19.69 44.05
C TRP A 217 -33.90 19.89 44.98
N VAL A 218 -33.94 20.99 45.73
CA VAL A 218 -32.94 21.33 46.72
C VAL A 218 -33.70 21.91 47.91
N PHE A 219 -32.99 22.45 48.90
CA PHE A 219 -33.63 22.90 50.14
C PHE A 219 -33.70 24.42 50.28
N ASN A 220 -34.44 24.85 51.29
CA ASN A 220 -34.29 26.19 51.89
C ASN A 220 -33.44 26.01 53.16
N LYS A 221 -33.00 27.12 53.75
CA LYS A 221 -32.04 27.11 54.85
C LYS A 221 -32.51 26.27 56.05
N SER A 222 -33.73 26.53 56.50
CA SER A 222 -34.31 25.86 57.68
C SER A 222 -34.81 24.41 57.42
N TYR A 223 -34.72 23.94 56.17
CA TYR A 223 -35.06 22.56 55.78
C TYR A 223 -36.54 22.20 55.92
N THR A 224 -37.40 23.22 55.92
CA THR A 224 -38.85 23.07 56.03
C THR A 224 -39.52 22.78 54.66
N GLN A 225 -38.85 23.21 53.59
CA GLN A 225 -39.38 23.13 52.23
C GLN A 225 -38.41 22.44 51.29
N TYR A 226 -38.95 21.75 50.29
CA TYR A 226 -38.18 21.34 49.12
C TYR A 226 -38.36 22.44 48.08
N ILE A 227 -37.25 23.11 47.72
CA ILE A 227 -37.24 24.20 46.74
C ILE A 227 -36.79 23.64 45.38
N PRO A 228 -37.58 23.89 44.30
CA PRO A 228 -37.16 23.40 42.98
C PRO A 228 -36.12 24.32 42.33
N LEU A 229 -35.23 23.71 41.55
CA LEU A 229 -34.12 24.39 40.88
C LEU A 229 -34.20 24.02 39.40
N PRO A 230 -34.56 24.99 38.53
CA PRO A 230 -34.66 24.69 37.10
C PRO A 230 -33.36 24.22 36.46
N ILE A 231 -33.47 23.25 35.56
CA ILE A 231 -32.35 22.74 34.77
C ILE A 231 -31.72 23.84 33.91
N SER A 232 -32.55 24.72 33.36
CA SER A 232 -32.09 25.90 32.61
C SER A 232 -31.06 26.74 33.37
N GLU A 233 -31.28 26.89 34.68
CA GLU A 233 -30.39 27.65 35.54
C GLU A 233 -29.07 26.93 35.80
N LEU A 234 -29.12 25.62 36.06
CA LEU A 234 -27.89 24.79 36.12
C LEU A 234 -27.07 24.87 34.84
N ASP A 235 -27.75 24.70 33.69
CA ASP A 235 -27.10 24.77 32.38
C ASP A 235 -26.61 26.18 32.00
N SER A 236 -27.15 27.23 32.63
CA SER A 236 -26.60 28.58 32.46
C SER A 236 -25.35 28.81 33.31
N TRP A 237 -25.28 28.19 34.50
CA TRP A 237 -24.14 28.36 35.42
C TRP A 237 -22.90 27.59 34.95
N LEU A 238 -23.08 26.29 34.67
CA LEU A 238 -22.08 25.50 33.94
C LEU A 238 -22.33 25.76 32.47
N LYS A 239 -21.39 25.44 31.59
CA LYS A 239 -21.51 25.81 30.16
C LYS A 239 -20.93 24.71 29.27
N THR A 240 -20.16 25.03 28.22
CA THR A 240 -19.97 24.11 27.08
C THR A 240 -19.36 22.78 27.47
N PRO A 241 -18.13 22.78 28.02
CA PRO A 241 -17.52 21.50 28.37
C PRO A 241 -17.99 21.08 29.75
N SER A 242 -19.01 20.22 29.83
CA SER A 242 -19.50 19.72 31.11
C SER A 242 -20.22 18.37 31.00
N ILE A 243 -20.25 17.67 32.14
CA ILE A 243 -20.81 16.32 32.26
C ILE A 243 -21.58 16.20 33.57
N TYR A 244 -22.75 15.57 33.53
CA TYR A 244 -23.65 15.47 34.69
C TYR A 244 -23.87 14.00 35.08
N VAL A 245 -24.01 13.73 36.39
CA VAL A 245 -24.45 12.43 36.90
C VAL A 245 -25.63 12.66 37.85
N PHE A 246 -26.75 12.00 37.59
CA PHE A 246 -27.95 12.11 38.43
C PHE A 246 -28.31 10.75 39.04
N ASP A 247 -28.01 10.58 40.34
CA ASP A 247 -28.47 9.42 41.11
C ASP A 247 -29.66 9.84 41.97
N CYS A 248 -30.76 10.10 41.28
CA CYS A 248 -32.06 10.34 41.90
C CYS A 248 -33.01 9.34 41.25
N SER A 249 -34.30 9.40 41.59
CA SER A 249 -35.29 8.50 40.99
C SER A 249 -35.57 8.93 39.55
N ALA A 250 -36.74 9.49 39.24
CA ALA A 250 -37.10 9.73 37.84
C ALA A 250 -36.12 10.68 37.18
N ALA A 251 -35.07 10.13 36.56
CA ALA A 251 -33.88 10.89 36.16
C ALA A 251 -33.85 11.27 34.68
N ARG A 252 -34.35 10.40 33.80
CA ARG A 252 -34.72 10.74 32.42
C ARG A 252 -35.32 12.14 32.30
N MET A 253 -36.26 12.41 33.20
CA MET A 253 -36.94 13.70 33.34
C MET A 253 -36.00 14.90 33.18
N ILE A 254 -34.85 14.81 33.83
CA ILE A 254 -33.81 15.83 33.74
C ILE A 254 -33.26 15.91 32.32
N LEU A 255 -32.95 14.75 31.74
CA LEU A 255 -32.37 14.71 30.39
C LEU A 255 -33.36 15.19 29.33
N ASN A 256 -34.64 14.83 29.50
CA ASN A 256 -35.71 15.29 28.61
C ASN A 256 -35.86 16.82 28.68
N ALA A 257 -35.56 17.41 29.84
CA ALA A 257 -35.49 18.87 29.96
C ALA A 257 -34.29 19.42 29.23
N PHE A 258 -33.11 18.87 29.54
CA PHE A 258 -31.86 19.27 28.88
C PHE A 258 -31.96 19.34 27.37
N ALA A 259 -32.58 18.33 26.75
CA ALA A 259 -32.72 18.28 25.29
C ALA A 259 -33.59 19.42 24.74
N GLU A 260 -34.53 19.88 25.56
CA GLU A 260 -35.43 20.98 25.23
C GLU A 260 -34.92 22.38 25.60
N LEU A 261 -33.80 22.46 26.31
CA LEU A 261 -33.26 23.75 26.73
C LEU A 261 -32.95 24.64 25.54
N HIS A 262 -32.24 24.07 24.57
CA HIS A 262 -31.75 24.83 23.42
C HIS A 262 -32.47 24.48 22.12
N ASP A 263 -32.40 25.42 21.19
CA ASP A 263 -33.07 25.33 19.89
C ASP A 263 -32.52 24.16 19.09
N TRP A 264 -33.41 23.52 18.31
CA TRP A 264 -33.05 22.32 17.58
C TRP A 264 -32.41 22.63 16.21
N GLY A 265 -31.28 21.98 15.98
CA GLY A 265 -30.29 22.34 14.96
C GLY A 265 -28.89 22.13 15.54
N SER A 266 -27.89 22.74 14.91
CA SER A 266 -26.49 22.69 15.38
C SER A 266 -25.83 21.30 15.44
N SER A 267 -26.39 20.31 14.73
CA SER A 267 -25.84 18.95 14.67
C SER A 267 -26.54 18.07 13.60
N GLY A 268 -26.04 16.84 13.45
CA GLY A 268 -26.64 15.84 12.56
C GLY A 268 -26.70 14.44 13.16
N SER A 269 -26.80 14.36 14.49
CA SER A 269 -26.94 13.10 15.22
C SER A 269 -28.43 12.91 15.60
N SER A 270 -28.72 12.40 16.82
CA SER A 270 -30.11 12.13 17.23
C SER A 270 -30.84 13.40 17.67
N GLY A 271 -30.27 14.11 18.64
CA GLY A 271 -30.84 15.37 19.14
C GLY A 271 -29.85 16.11 20.03
N SER A 272 -28.68 16.40 19.47
CA SER A 272 -27.55 17.01 20.19
C SER A 272 -27.12 18.35 19.56
N SER A 273 -26.13 19.00 20.17
CA SER A 273 -25.57 20.27 19.68
C SER A 273 -24.29 20.67 20.45
N ARG A 274 -24.45 20.87 21.77
CA ARG A 274 -23.37 21.28 22.68
C ARG A 274 -22.48 20.11 23.09
N ASP A 275 -21.46 20.38 23.91
CA ASP A 275 -20.67 19.33 24.57
C ASP A 275 -21.21 19.06 25.99
N CYS A 276 -22.50 18.76 26.05
CA CYS A 276 -23.23 18.56 27.30
C CYS A 276 -23.50 17.06 27.50
N ILE A 277 -22.77 16.41 28.41
CA ILE A 277 -22.88 14.95 28.63
C ILE A 277 -23.67 14.64 29.90
N LEU A 278 -24.59 13.68 29.81
CA LEU A 278 -25.54 13.40 30.91
C LEU A 278 -25.59 11.89 31.23
N LEU A 279 -25.54 11.56 32.53
CA LEU A 279 -25.65 10.16 33.02
C LEU A 279 -26.77 10.06 34.08
N ALA A 280 -27.92 9.54 33.67
CA ALA A 280 -29.08 9.45 34.55
C ALA A 280 -29.32 8.00 34.99
N ALA A 281 -29.80 7.83 36.22
CA ALA A 281 -29.85 6.52 36.90
C ALA A 281 -30.96 5.58 36.47
N CYS A 282 -32.10 6.12 36.04
CA CYS A 282 -33.23 5.28 35.59
C CYS A 282 -34.19 6.10 34.72
N ASP A 283 -35.32 5.50 34.33
CA ASP A 283 -36.27 6.11 33.38
C ASP A 283 -37.22 7.16 34.02
N VAL A 284 -38.12 7.73 33.20
CA VAL A 284 -39.09 8.76 33.62
C VAL A 284 -40.08 8.22 34.66
N HIS A 285 -40.64 7.06 34.33
CA HIS A 285 -41.63 6.36 35.16
C HIS A 285 -41.04 5.52 36.31
N GLU A 286 -39.73 5.50 36.47
CA GLU A 286 -39.06 4.57 37.38
C GLU A 286 -38.57 5.18 38.69
N THR A 287 -38.51 4.32 39.71
CA THR A 287 -37.97 4.64 41.03
C THR A 287 -36.83 3.67 41.33
N LEU A 288 -35.83 4.17 42.07
CA LEU A 288 -34.66 3.37 42.44
C LEU A 288 -35.03 2.20 43.35
N PRO A 289 -34.17 1.16 43.40
CA PRO A 289 -34.49 -0.02 44.21
C PRO A 289 -34.46 0.24 45.72
N GLN A 290 -35.46 -0.31 46.41
CA GLN A 290 -35.54 -0.25 47.86
C GLN A 290 -34.99 -1.51 48.54
N SER A 291 -34.88 -2.62 47.80
CA SER A 291 -34.34 -3.88 48.34
C SER A 291 -32.99 -3.66 49.01
N VAL A 292 -32.75 -4.39 50.11
CA VAL A 292 -31.54 -4.21 50.92
C VAL A 292 -30.33 -4.86 50.25
N GLU A 293 -30.55 -5.77 49.30
CA GLU A 293 -29.45 -6.35 48.52
C GLU A 293 -28.68 -5.26 47.73
N PHE A 294 -29.37 -4.20 47.32
CA PHE A 294 -28.76 -2.99 46.78
C PHE A 294 -28.67 -1.94 47.89
N PRO A 295 -27.77 -0.95 47.73
CA PRO A 295 -27.86 0.26 48.54
C PRO A 295 -28.81 1.29 47.88
N ALA A 296 -28.94 2.48 48.47
CA ALA A 296 -29.62 3.61 47.82
C ALA A 296 -28.75 4.17 46.70
N ASP A 297 -27.45 3.97 46.88
CA ASP A 297 -26.37 4.57 46.12
C ASP A 297 -25.99 3.80 44.83
N VAL A 298 -26.92 3.03 44.28
CA VAL A 298 -26.56 1.94 43.34
C VAL A 298 -25.82 2.50 42.14
N PHE A 299 -26.40 3.54 41.53
CA PHE A 299 -25.88 4.13 40.30
C PHE A 299 -24.54 4.82 40.52
N THR A 300 -24.46 5.65 41.54
CA THR A 300 -23.20 6.26 41.98
C THR A 300 -22.15 5.20 42.33
N SER A 301 -22.56 4.17 43.05
CA SER A 301 -21.66 3.09 43.45
C SER A 301 -21.20 2.23 42.28
N CYS A 302 -22.04 2.05 41.27
CA CYS A 302 -21.63 1.42 40.00
C CYS A 302 -20.59 2.26 39.25
N LEU A 303 -20.88 3.54 39.10
CA LEU A 303 -20.01 4.46 38.36
C LEU A 303 -18.69 4.77 39.07
N THR A 304 -18.69 4.77 40.41
CA THR A 304 -17.54 5.22 41.19
C THR A 304 -16.77 4.11 41.95
N THR A 305 -17.46 3.03 42.30
CA THR A 305 -16.83 1.87 42.96
C THR A 305 -17.28 0.58 42.25
N PRO A 306 -16.98 0.45 40.94
CA PRO A 306 -17.54 -0.61 40.10
C PRO A 306 -17.21 -2.05 40.54
N ILE A 307 -15.96 -2.29 40.95
CA ILE A 307 -15.55 -3.65 41.32
C ILE A 307 -16.34 -4.09 42.56
N LYS A 308 -16.22 -3.31 43.62
CA LYS A 308 -16.92 -3.56 44.89
C LYS A 308 -18.40 -3.90 44.67
N MET A 309 -19.05 -3.13 43.80
CA MET A 309 -20.47 -3.34 43.48
C MET A 309 -20.68 -4.59 42.62
N ALA A 310 -19.85 -4.75 41.58
CA ALA A 310 -19.96 -5.89 40.66
C ALA A 310 -19.86 -7.26 41.35
N LEU A 311 -18.98 -7.37 42.34
CA LEU A 311 -18.79 -8.61 43.09
C LEU A 311 -19.89 -8.81 44.11
N LYS A 312 -20.16 -7.79 44.94
CA LYS A 312 -21.25 -7.84 45.94
C LYS A 312 -22.60 -8.17 45.31
N TRP A 313 -22.81 -7.65 44.11
CA TRP A 313 -23.96 -8.01 43.29
C TRP A 313 -23.90 -9.48 42.85
N PHE A 314 -22.75 -9.89 42.31
CA PHE A 314 -22.50 -11.28 41.87
C PHE A 314 -22.73 -12.33 42.98
N CYS A 315 -22.45 -11.97 44.22
CA CYS A 315 -22.72 -12.85 45.36
C CYS A 315 -24.22 -13.04 45.58
N ARG A 316 -24.90 -11.94 45.86
CA ARG A 316 -26.34 -11.96 46.19
C ARG A 316 -27.16 -12.64 45.09
N ARG A 317 -26.88 -12.30 43.84
CA ARG A 317 -27.64 -12.83 42.72
C ARG A 317 -27.27 -14.28 42.37
N SER A 318 -26.13 -14.47 41.69
CA SER A 318 -25.81 -15.72 40.97
C SER A 318 -25.58 -16.93 41.88
N LEU A 319 -24.51 -16.88 42.68
CA LEU A 319 -24.11 -18.03 43.53
C LEU A 319 -24.96 -18.22 44.80
N LEU A 320 -25.85 -17.27 45.09
CA LEU A 320 -26.76 -17.31 46.24
C LEU A 320 -26.05 -17.01 47.59
N LYS A 321 -24.88 -16.36 47.52
CA LYS A 321 -24.20 -15.64 48.64
C LYS A 321 -23.75 -16.39 49.91
N GLU A 322 -24.33 -17.54 50.25
CA GLU A 322 -24.21 -18.11 51.60
C GLU A 322 -22.93 -18.94 51.82
N ILE A 323 -22.32 -19.41 50.73
CA ILE A 323 -21.03 -20.13 50.77
C ILE A 323 -19.88 -19.13 50.92
N ILE A 324 -19.96 -18.04 50.16
CA ILE A 324 -18.87 -17.04 50.10
C ILE A 324 -19.19 -15.85 51.00
N ASP A 325 -18.44 -15.71 52.10
CA ASP A 325 -18.50 -14.54 52.97
C ASP A 325 -18.36 -13.27 52.13
N GLU A 326 -19.42 -12.45 52.17
CA GLU A 326 -19.52 -11.26 51.33
C GLU A 326 -18.59 -10.13 51.78
N SER A 327 -18.20 -10.13 53.06
CA SER A 327 -17.31 -9.09 53.61
C SER A 327 -15.83 -9.27 53.22
N LEU A 328 -15.50 -10.38 52.58
CA LEU A 328 -14.17 -10.57 51.98
C LEU A 328 -13.96 -9.66 50.77
N ILE A 329 -15.04 -9.22 50.14
CA ILE A 329 -14.97 -8.26 49.02
C ILE A 329 -14.42 -6.89 49.46
N ASP A 330 -14.67 -6.51 50.71
CA ASP A 330 -14.06 -5.32 51.33
C ASP A 330 -12.56 -5.54 51.59
N ARG A 331 -12.19 -6.80 51.85
CA ARG A 331 -10.84 -7.20 52.25
C ARG A 331 -10.06 -7.91 51.12
N ILE A 332 -10.30 -7.53 49.85
CA ILE A 332 -9.59 -8.15 48.72
C ILE A 332 -8.13 -7.67 48.71
N PRO A 333 -7.17 -8.63 48.66
CA PRO A 333 -5.74 -8.28 48.75
C PRO A 333 -5.17 -7.60 47.50
N GLY A 334 -4.22 -6.68 47.72
CA GLY A 334 -3.61 -5.90 46.65
C GLY A 334 -4.19 -4.50 46.50
N ARG A 335 -3.68 -3.77 45.52
CA ARG A 335 -4.21 -2.43 45.16
C ARG A 335 -4.63 -2.44 43.70
N GLN A 336 -5.42 -1.43 43.34
CA GLN A 336 -5.97 -1.26 41.98
C GLN A 336 -4.89 -1.14 40.91
N ASN A 337 -3.72 -0.63 41.28
CA ASN A 337 -2.55 -0.53 40.39
C ASN A 337 -1.98 -1.89 39.99
N ASP A 338 -1.53 -2.67 40.98
CA ASP A 338 -0.77 -3.89 40.71
C ASP A 338 -1.60 -4.95 40.00
N ARG A 339 -1.36 -5.09 38.71
CA ARG A 339 -1.90 -6.19 37.90
C ARG A 339 -1.37 -7.57 38.35
N LYS A 340 -0.31 -7.57 39.16
CA LYS A 340 0.18 -8.79 39.83
C LYS A 340 -0.33 -8.93 41.28
N THR A 341 -1.50 -8.35 41.57
CA THR A 341 -2.26 -8.63 42.78
C THR A 341 -3.72 -8.85 42.41
N LEU A 342 -4.43 -9.61 43.23
CA LEU A 342 -5.81 -10.02 42.90
C LEU A 342 -6.80 -8.87 42.73
N LEU A 343 -6.57 -7.74 43.40
CA LEU A 343 -7.46 -6.58 43.25
C LEU A 343 -7.18 -5.87 41.94
N GLY A 344 -5.93 -5.47 41.73
CA GLY A 344 -5.54 -4.78 40.51
C GLY A 344 -5.77 -5.58 39.24
N GLU A 345 -5.60 -6.89 39.32
CA GLU A 345 -5.81 -7.79 38.18
C GLU A 345 -7.29 -7.97 37.84
N LEU A 346 -8.11 -7.98 38.88
CA LEU A 346 -9.56 -8.01 38.71
C LEU A 346 -10.03 -6.68 38.13
N ASN A 347 -9.42 -5.59 38.59
CA ASN A 347 -9.69 -4.24 38.07
C ASN A 347 -9.28 -4.13 36.59
N TRP A 348 -8.18 -4.77 36.26
CA TRP A 348 -7.65 -4.83 34.89
C TRP A 348 -8.56 -5.61 33.95
N ILE A 349 -9.02 -6.78 34.39
CA ILE A 349 -9.97 -7.57 33.60
C ILE A 349 -11.26 -6.78 33.33
N PHE A 350 -11.74 -6.06 34.35
CA PHE A 350 -12.97 -5.25 34.25
C PHE A 350 -12.82 -4.17 33.18
N THR A 351 -11.77 -3.36 33.33
CA THR A 351 -11.40 -2.35 32.34
C THR A 351 -11.41 -2.94 30.92
N ALA A 352 -10.69 -4.05 30.75
CA ALA A 352 -10.56 -4.74 29.47
C ALA A 352 -11.89 -5.23 28.94
N VAL A 353 -12.69 -5.84 29.83
CA VAL A 353 -14.02 -6.33 29.48
C VAL A 353 -14.92 -5.19 29.00
N THR A 354 -14.98 -4.13 29.79
CA THR A 354 -15.91 -3.04 29.56
C THR A 354 -15.52 -2.19 28.33
N ASP A 355 -14.25 -1.79 28.28
CA ASP A 355 -13.65 -1.13 27.10
C ASP A 355 -13.95 -1.88 25.79
N THR A 356 -13.97 -3.20 25.84
CA THR A 356 -14.26 -4.05 24.69
C THR A 356 -15.73 -3.99 24.29
N ILE A 357 -16.62 -4.03 25.28
CA ILE A 357 -18.07 -4.01 25.03
C ILE A 357 -18.42 -2.69 24.36
N ALA A 358 -17.81 -1.59 24.81
CA ALA A 358 -17.99 -0.29 24.18
C ALA A 358 -17.54 -0.25 22.70
N TRP A 359 -16.34 -0.76 22.42
CA TRP A 359 -15.74 -0.68 21.07
C TRP A 359 -16.51 -1.45 19.99
N ASN A 360 -17.06 -2.60 20.34
CA ASN A 360 -17.87 -3.40 19.42
C ASN A 360 -19.30 -2.90 19.26
N VAL A 361 -19.82 -2.23 20.28
CA VAL A 361 -21.20 -1.75 20.29
C VAL A 361 -21.31 -0.35 19.66
N LEU A 362 -20.30 0.50 19.86
CA LEU A 362 -20.33 1.90 19.41
C LEU A 362 -19.56 2.14 18.10
N PRO A 363 -19.86 3.25 17.41
CA PRO A 363 -19.10 3.65 16.21
C PRO A 363 -17.86 4.49 16.52
N HIS A 364 -16.83 4.34 15.68
CA HIS A 364 -15.55 5.08 15.76
C HIS A 364 -15.62 6.40 16.55
N GLU A 365 -16.48 7.31 16.09
CA GLU A 365 -16.53 8.70 16.58
C GLU A 365 -16.99 8.78 18.04
N LEU A 366 -18.17 8.21 18.30
CA LEU A 366 -18.77 8.24 19.63
C LEU A 366 -17.90 7.50 20.66
N PHE A 367 -17.31 6.39 20.24
CA PHE A 367 -16.34 5.66 21.06
C PHE A 367 -15.12 6.51 21.39
N GLN A 368 -14.60 7.21 20.39
CA GLN A 368 -13.43 8.07 20.59
C GLN A 368 -13.76 9.23 21.55
N ARG A 369 -14.98 9.76 21.48
CA ARG A 369 -15.39 10.88 22.34
C ARG A 369 -15.55 10.44 23.79
N LEU A 370 -16.31 9.37 24.00
CA LEU A 370 -16.70 8.93 25.34
C LEU A 370 -15.66 8.03 26.05
N PHE A 371 -14.91 7.24 25.28
CA PHE A 371 -13.98 6.23 25.85
C PHE A 371 -12.47 6.47 25.67
N ARG A 372 -12.09 7.47 24.87
CA ARG A 372 -10.66 7.87 24.68
C ARG A 372 -10.30 9.28 25.13
N GLN A 373 -11.20 10.23 24.88
CA GLN A 373 -10.92 11.68 24.94
C GLN A 373 -10.60 12.20 26.34
N ASP A 374 -11.45 11.83 27.28
CA ASP A 374 -11.38 12.30 28.67
C ASP A 374 -11.26 11.10 29.59
N LEU A 375 -10.14 11.00 30.30
CA LEU A 375 -9.83 9.87 31.17
C LEU A 375 -10.96 9.55 32.15
N LEU A 376 -11.61 10.59 32.67
CA LEU A 376 -12.70 10.43 33.63
C LEU A 376 -13.97 9.99 32.91
N VAL A 377 -14.31 10.67 31.82
CA VAL A 377 -15.51 10.32 31.04
C VAL A 377 -15.35 8.89 30.54
N ALA A 378 -14.15 8.56 30.06
CA ALA A 378 -13.80 7.17 29.74
C ALA A 378 -14.18 6.20 30.86
N SER A 379 -13.72 6.49 32.07
CA SER A 379 -13.99 5.65 33.23
C SER A 379 -15.46 5.64 33.63
N LEU A 380 -16.11 6.81 33.66
CA LEU A 380 -17.53 6.87 34.04
C LEU A 380 -18.39 6.09 33.05
N PHE A 381 -18.23 6.35 31.75
CA PHE A 381 -18.97 5.60 30.72
C PHE A 381 -18.59 4.13 30.63
N ARG A 382 -17.36 3.81 31.02
CA ARG A 382 -16.95 2.41 31.17
C ARG A 382 -17.79 1.82 32.31
N ASN A 383 -17.66 2.39 33.49
CA ASN A 383 -18.42 1.94 34.67
C ASN A 383 -19.96 2.06 34.50
N PHE A 384 -20.41 2.92 33.61
CA PHE A 384 -21.82 3.03 33.24
C PHE A 384 -22.37 1.74 32.66
N LEU A 385 -21.56 1.03 31.88
CA LEU A 385 -21.99 -0.24 31.29
C LEU A 385 -22.30 -1.32 32.35
N LEU A 386 -21.68 -1.19 33.53
CA LEU A 386 -22.04 -2.02 34.69
C LEU A 386 -23.38 -1.58 35.27
N ALA A 387 -23.60 -0.27 35.37
CA ALA A 387 -24.90 0.27 35.79
C ALA A 387 -26.00 -0.21 34.85
N GLU A 388 -25.74 -0.16 33.54
CA GLU A 388 -26.65 -0.72 32.53
C GLU A 388 -27.17 -2.11 32.93
N ARG A 389 -26.27 -2.95 33.43
CA ARG A 389 -26.55 -4.35 33.75
C ARG A 389 -27.23 -4.54 35.12
N ILE A 390 -26.62 -3.99 36.17
CA ILE A 390 -27.08 -4.15 37.56
C ILE A 390 -28.46 -3.52 37.74
N MET A 391 -28.53 -2.22 37.47
CA MET A 391 -29.78 -1.47 37.57
C MET A 391 -30.92 -2.20 36.86
N ARG A 392 -30.63 -2.76 35.69
CA ARG A 392 -31.62 -3.53 34.90
C ARG A 392 -32.28 -4.62 35.74
N SER A 393 -31.49 -5.34 36.52
CA SER A 393 -31.99 -6.39 37.42
C SER A 393 -32.89 -5.87 38.56
N ALA A 394 -32.80 -4.57 38.87
CA ALA A 394 -33.63 -3.90 39.87
C ALA A 394 -34.71 -2.98 39.28
N ASN A 395 -35.23 -3.31 38.09
CA ASN A 395 -36.26 -2.51 37.40
C ASN A 395 -35.91 -1.03 37.22
N CYS A 396 -34.68 -0.80 36.78
CA CYS A 396 -34.20 0.53 36.45
C CYS A 396 -33.38 0.49 35.17
N ASN A 397 -33.67 1.43 34.26
CA ASN A 397 -33.06 1.46 32.93
C ASN A 397 -32.35 2.80 32.75
N PRO A 398 -31.05 2.84 33.09
CA PRO A 398 -30.32 4.12 33.01
C PRO A 398 -30.03 4.53 31.56
N ILE A 399 -29.90 5.84 31.35
CA ILE A 399 -29.64 6.41 30.02
C ILE A 399 -28.54 7.44 30.14
N SER A 400 -27.75 7.54 29.07
CA SER A 400 -26.79 8.62 28.91
C SER A 400 -27.31 9.50 27.78
N HIS A 401 -26.80 10.74 27.67
CA HIS A 401 -27.31 11.66 26.64
C HIS A 401 -26.79 11.31 25.25
N PRO A 402 -25.45 11.25 25.08
CA PRO A 402 -25.08 10.43 23.93
C PRO A 402 -25.52 9.02 24.32
N MET A 403 -26.50 8.50 23.59
CA MET A 403 -27.43 7.51 24.14
C MET A 403 -26.85 6.12 24.33
N LEU A 404 -26.03 5.70 23.39
CA LEU A 404 -25.40 4.36 23.36
C LEU A 404 -26.37 3.14 23.32
N PRO A 405 -26.13 2.18 22.38
CA PRO A 405 -26.96 0.98 22.25
C PRO A 405 -26.97 0.10 23.49
N PRO A 406 -27.87 -0.90 23.52
CA PRO A 406 -27.87 -1.82 24.65
C PRO A 406 -26.54 -2.58 24.75
N THR A 407 -25.96 -2.57 25.95
CA THR A 407 -24.73 -3.30 26.26
C THR A 407 -24.93 -4.47 27.23
N HIS A 408 -25.99 -4.41 28.05
CA HIS A 408 -26.29 -5.53 28.97
C HIS A 408 -26.52 -6.83 28.18
N GLN A 409 -26.21 -7.95 28.82
CA GLN A 409 -26.12 -9.28 28.17
C GLN A 409 -25.50 -9.26 26.75
N HIS A 410 -24.33 -8.64 26.69
CA HIS A 410 -23.36 -8.82 25.62
C HIS A 410 -22.51 -10.01 26.02
N HIS A 411 -22.22 -10.90 25.08
CA HIS A 411 -21.18 -11.90 25.27
C HIS A 411 -19.88 -11.13 25.49
N MET A 412 -19.24 -11.37 26.64
CA MET A 412 -18.07 -10.62 27.17
C MET A 412 -18.30 -10.39 28.67
N TRP A 413 -19.56 -10.09 29.05
CA TRP A 413 -19.97 -10.14 30.46
C TRP A 413 -19.87 -11.56 31.03
N ASP A 414 -20.13 -12.55 30.18
CA ASP A 414 -19.91 -13.97 30.52
C ASP A 414 -18.45 -14.23 30.91
N ALA A 415 -17.53 -13.69 30.12
CA ALA A 415 -16.08 -13.80 30.40
C ALA A 415 -15.66 -13.07 31.68
N TRP A 416 -16.33 -11.95 31.98
CA TRP A 416 -16.16 -11.24 33.26
C TRP A 416 -16.69 -12.08 34.42
N ASP A 417 -17.92 -12.57 34.28
CA ASP A 417 -18.57 -13.43 35.29
C ASP A 417 -17.72 -14.66 35.65
N MET A 418 -17.17 -15.32 34.62
CA MET A 418 -16.23 -16.43 34.80
C MET A 418 -15.04 -16.04 35.66
N ALA A 419 -14.42 -14.91 35.34
CA ALA A 419 -13.21 -14.44 36.02
C ALA A 419 -13.46 -13.97 37.46
N ALA A 420 -14.60 -13.31 37.67
CA ALA A 420 -15.02 -12.91 39.02
C ALA A 420 -15.41 -14.11 39.92
N GLU A 421 -15.90 -15.19 39.30
CA GLU A 421 -16.14 -16.45 40.04
C GLU A 421 -14.81 -17.15 40.39
N ILE A 422 -13.88 -17.19 39.42
CA ILE A 422 -12.53 -17.74 39.62
C ILE A 422 -11.73 -16.90 40.64
N CYS A 423 -11.94 -15.58 40.64
CA CYS A 423 -11.37 -14.70 41.67
C CYS A 423 -11.94 -14.99 43.06
N LEU A 424 -13.26 -14.91 43.19
CA LEU A 424 -13.93 -14.99 44.50
C LEU A 424 -13.81 -16.35 45.22
N SER A 425 -13.63 -17.45 44.48
CA SER A 425 -13.39 -18.77 45.10
C SER A 425 -11.98 -18.87 45.66
N GLN A 426 -11.03 -18.19 45.00
CA GLN A 426 -9.65 -18.05 45.47
C GLN A 426 -9.52 -17.17 46.74
N LEU A 427 -10.49 -16.26 46.92
CA LEU A 427 -10.45 -15.24 47.96
C LEU A 427 -10.54 -15.78 49.39
N PRO A 428 -11.27 -16.88 49.56
CA PRO A 428 -11.37 -17.55 50.85
C PRO A 428 -9.99 -17.97 51.41
N GLN A 429 -9.19 -18.63 50.56
CA GLN A 429 -7.88 -19.16 50.97
C GLN A 429 -6.79 -18.09 51.10
N LEU A 430 -6.88 -17.03 50.31
CA LEU A 430 -5.90 -15.91 50.38
C LEU A 430 -5.98 -15.12 51.69
N VAL A 431 -7.12 -15.19 52.38
CA VAL A 431 -7.29 -14.59 53.70
C VAL A 431 -6.77 -15.51 54.82
N LEU A 432 -6.93 -16.82 54.66
CA LEU A 432 -6.39 -17.80 55.62
C LEU A 432 -4.91 -17.60 55.89
N ASP A 433 -4.17 -17.24 54.83
CA ASP A 433 -2.85 -16.64 54.97
C ASP A 433 -2.52 -15.82 53.73
N PRO A 434 -1.89 -14.64 53.89
CA PRO A 434 -1.24 -14.06 52.71
C PRO A 434 -0.13 -15.01 52.20
N SER A 435 -0.52 -15.90 51.30
CA SER A 435 0.35 -16.92 50.70
C SER A 435 1.04 -16.44 49.45
N THR A 436 0.56 -15.33 48.89
CA THR A 436 0.81 -14.90 47.50
C THR A 436 0.82 -16.08 46.52
N GLU A 437 -0.16 -16.97 46.68
CA GLU A 437 -0.45 -18.02 45.70
C GLU A 437 -1.61 -17.47 44.91
N PHE A 438 -1.31 -16.41 44.19
CA PHE A 438 -2.28 -15.68 43.38
C PHE A 438 -2.08 -16.18 41.95
N GLN A 439 -2.92 -17.12 41.54
CA GLN A 439 -2.89 -17.67 40.19
C GLN A 439 -3.45 -16.62 39.23
N PRO A 440 -2.60 -16.11 38.31
CA PRO A 440 -3.12 -15.15 37.35
C PRO A 440 -4.24 -15.73 36.47
N SER A 441 -5.25 -14.92 36.16
CA SER A 441 -6.43 -15.37 35.45
C SER A 441 -6.09 -15.71 34.00
N PRO A 442 -6.69 -16.79 33.47
CA PRO A 442 -6.47 -17.15 32.07
C PRO A 442 -7.05 -16.14 31.07
N PHE A 443 -8.10 -15.41 31.47
CA PHE A 443 -8.79 -14.39 30.68
C PHE A 443 -8.03 -13.83 29.47
N PHE A 444 -6.86 -13.26 29.72
CA PHE A 444 -6.06 -12.63 28.66
C PHE A 444 -5.54 -13.64 27.63
N THR A 445 -4.97 -14.75 28.12
CA THR A 445 -4.60 -15.89 27.27
C THR A 445 -5.79 -16.37 26.44
N GLU A 446 -6.93 -16.58 27.11
CA GLU A 446 -8.16 -17.05 26.47
C GLU A 446 -8.64 -16.14 25.33
N GLN A 447 -8.64 -14.83 25.57
CA GLN A 447 -9.06 -13.86 24.55
C GLN A 447 -8.06 -13.67 23.41
N LEU A 448 -6.76 -13.71 23.72
CA LEU A 448 -5.73 -13.71 22.68
C LEU A 448 -5.85 -14.89 21.71
N THR A 449 -6.26 -16.05 22.24
CA THR A 449 -6.50 -17.23 21.41
C THR A 449 -7.73 -17.07 20.50
N ALA A 450 -8.77 -16.41 21.01
CA ALA A 450 -9.98 -16.10 20.22
C ALA A 450 -9.73 -15.08 19.09
N PHE A 451 -8.74 -14.22 19.29
CA PHE A 451 -8.25 -13.29 18.27
C PHE A 451 -7.49 -14.05 17.19
N GLU A 452 -6.63 -15.00 17.60
CA GLU A 452 -5.95 -15.94 16.68
C GLU A 452 -6.91 -16.71 15.80
N VAL A 453 -7.94 -17.29 16.42
CA VAL A 453 -8.99 -18.03 15.70
C VAL A 453 -9.59 -17.16 14.60
N TRP A 454 -9.85 -15.90 14.93
CA TRP A 454 -10.38 -14.91 13.97
C TRP A 454 -9.40 -14.64 12.82
N LEU A 455 -8.12 -14.45 13.16
CA LEU A 455 -7.05 -14.18 12.18
C LEU A 455 -6.83 -15.29 11.13
N ASP A 456 -7.05 -16.54 11.54
CA ASP A 456 -6.89 -17.68 10.66
C ASP A 456 -8.17 -17.87 9.86
N HIS A 457 -9.24 -18.25 10.55
CA HIS A 457 -10.55 -18.54 9.94
C HIS A 457 -11.43 -17.28 10.06
N GLY A 458 -11.86 -16.75 8.91
CA GLY A 458 -12.62 -15.50 8.85
C GLY A 458 -11.67 -14.32 8.86
N SER A 459 -10.74 -14.32 7.90
CA SER A 459 -9.68 -13.31 7.81
C SER A 459 -9.97 -12.35 6.65
N GLU A 460 -11.06 -11.61 6.78
CA GLU A 460 -11.59 -10.72 5.73
C GLU A 460 -11.97 -9.38 6.37
N HIS A 461 -12.78 -8.57 5.69
CA HIS A 461 -13.58 -7.52 6.37
C HIS A 461 -14.98 -8.12 6.51
N LYS A 462 -15.09 -9.11 7.40
CA LYS A 462 -16.36 -9.73 7.77
C LYS A 462 -16.66 -9.35 9.23
N LYS A 463 -16.72 -8.03 9.47
CA LYS A 463 -16.98 -7.42 10.79
C LYS A 463 -15.79 -7.60 11.78
N PRO A 464 -15.30 -6.50 12.37
CA PRO A 464 -14.07 -6.46 13.20
C PRO A 464 -13.87 -7.62 14.20
N PRO A 465 -12.61 -7.84 14.64
CA PRO A 465 -12.26 -9.02 15.45
C PRO A 465 -12.81 -9.10 16.89
N GLU A 466 -13.23 -7.97 17.46
CA GLU A 466 -13.80 -7.90 18.85
C GLU A 466 -12.77 -8.01 19.98
N GLN A 467 -11.78 -8.87 19.82
CA GLN A 467 -10.74 -9.05 20.83
C GLN A 467 -9.70 -7.92 20.79
N LEU A 468 -9.86 -6.95 19.89
CA LEU A 468 -8.85 -5.93 19.58
C LEU A 468 -8.51 -5.00 20.76
N PRO A 469 -9.54 -4.42 21.43
CA PRO A 469 -9.23 -3.64 22.63
C PRO A 469 -8.65 -4.45 23.80
N ILE A 470 -8.78 -5.79 23.79
CA ILE A 470 -8.10 -6.67 24.76
C ILE A 470 -6.64 -6.89 24.36
N VAL A 471 -6.36 -7.02 23.07
CA VAL A 471 -4.97 -7.05 22.59
C VAL A 471 -4.23 -5.80 23.08
N LEU A 472 -4.89 -4.65 23.00
CA LEU A 472 -4.37 -3.40 23.55
C LEU A 472 -3.98 -3.51 25.02
N GLN A 473 -4.92 -3.96 25.86
CA GLN A 473 -4.69 -4.03 27.33
C GLN A 473 -3.51 -4.96 27.68
N VAL A 474 -3.37 -6.03 26.91
CA VAL A 474 -2.28 -6.99 27.08
C VAL A 474 -0.90 -6.37 26.84
N LEU A 475 -0.82 -5.39 25.94
CA LEU A 475 0.45 -4.66 25.67
C LEU A 475 0.98 -3.89 26.90
N LEU A 476 0.12 -3.63 27.87
CA LEU A 476 0.44 -2.81 29.03
C LEU A 476 1.33 -3.53 30.07
N SER A 477 1.20 -4.86 30.16
CA SER A 477 2.06 -5.70 31.01
C SER A 477 2.90 -6.62 30.15
N GLN A 478 4.05 -7.05 30.68
CA GLN A 478 4.96 -7.96 29.96
C GLN A 478 4.42 -9.39 29.80
N CYS A 479 3.49 -9.79 30.67
CA CYS A 479 3.01 -11.18 30.76
C CYS A 479 2.77 -11.90 29.43
N HIS A 480 2.03 -11.26 28.52
CA HIS A 480 1.77 -11.81 27.18
C HIS A 480 1.98 -10.76 26.08
N ARG A 481 2.98 -9.89 26.28
CA ARG A 481 3.25 -8.76 25.40
C ARG A 481 3.72 -9.22 24.01
N PHE A 482 4.71 -10.12 23.99
CA PHE A 482 5.30 -10.58 22.71
C PHE A 482 4.26 -11.23 21.81
N ARG A 483 3.41 -12.11 22.37
CA ARG A 483 2.40 -12.80 21.56
C ARG A 483 1.30 -11.82 21.11
N ALA A 484 0.90 -10.92 22.00
CA ALA A 484 -0.07 -9.86 21.64
C ALA A 484 0.46 -9.02 20.47
N LEU A 485 1.69 -8.52 20.62
CA LEU A 485 2.39 -7.81 19.54
C LEU A 485 2.51 -8.61 18.24
N VAL A 486 2.81 -9.91 18.37
CA VAL A 486 2.82 -10.82 17.24
C VAL A 486 1.44 -10.90 16.57
N LEU A 487 0.39 -11.08 17.37
CA LEU A 487 -0.97 -11.17 16.82
C LEU A 487 -1.44 -9.85 16.25
N LEU A 488 -1.07 -8.75 16.90
CA LEU A 488 -1.35 -7.41 16.40
C LEU A 488 -0.75 -7.20 15.01
N GLY A 489 0.54 -7.51 14.87
CA GLY A 489 1.25 -7.38 13.58
C GLY A 489 0.62 -8.24 12.48
N ARG A 490 0.40 -9.51 12.80
CA ARG A 490 -0.38 -10.42 11.96
C ARG A 490 -1.68 -9.78 11.49
N PHE A 491 -2.37 -9.10 12.41
CA PHE A 491 -3.59 -8.34 12.09
C PHE A 491 -3.32 -7.11 11.24
N LEU A 492 -2.31 -6.33 11.59
CA LEU A 492 -1.94 -5.15 10.78
C LEU A 492 -1.60 -5.56 9.34
N ASP A 493 -0.96 -6.72 9.19
CA ASP A 493 -0.50 -7.23 7.89
C ASP A 493 -1.61 -7.37 6.85
N MET A 494 -2.86 -7.62 7.29
CA MET A 494 -3.94 -7.91 6.33
C MET A 494 -4.39 -6.69 5.50
N GLY A 495 -4.01 -5.48 5.90
CA GLY A 495 -4.14 -4.30 5.04
C GLY A 495 -4.35 -2.98 5.76
N SER A 496 -4.62 -1.94 4.99
CA SER A 496 -4.83 -0.58 5.49
C SER A 496 -6.03 -0.46 6.44
N TRP A 497 -7.12 -1.13 6.07
CA TRP A 497 -8.33 -1.24 6.89
C TRP A 497 -8.07 -1.72 8.32
N ALA A 498 -7.13 -2.64 8.49
CA ALA A 498 -6.82 -3.24 9.80
C ALA A 498 -5.93 -2.33 10.64
N VAL A 499 -5.09 -1.53 9.97
CA VAL A 499 -4.29 -0.51 10.64
C VAL A 499 -5.23 0.55 11.17
N ASP A 500 -6.10 1.04 10.28
CA ASP A 500 -7.19 1.98 10.62
C ASP A 500 -7.98 1.52 11.86
N LEU A 501 -8.23 0.22 11.96
CA LEU A 501 -8.89 -0.37 13.14
C LEU A 501 -8.02 -0.36 14.40
N ALA A 502 -6.75 -0.71 14.25
CA ALA A 502 -5.81 -0.68 15.38
C ALA A 502 -5.67 0.74 15.95
N LEU A 503 -5.52 1.71 15.07
CA LEU A 503 -5.37 3.11 15.48
C LEU A 503 -6.66 3.69 16.04
N SER A 504 -7.81 3.12 15.65
CA SER A 504 -9.13 3.47 16.20
C SER A 504 -9.34 2.96 17.65
N VAL A 505 -8.87 1.76 17.94
CA VAL A 505 -8.85 1.22 19.32
C VAL A 505 -8.05 2.13 20.24
N GLY A 506 -6.94 2.65 19.72
CA GLY A 506 -6.04 3.53 20.47
C GLY A 506 -4.69 2.91 20.74
N ILE A 507 -4.16 2.19 19.76
CA ILE A 507 -2.89 1.44 19.90
C ILE A 507 -1.64 2.33 19.81
N PHE A 508 -1.73 3.40 19.02
CA PHE A 508 -0.59 4.25 18.67
C PHE A 508 0.39 4.63 19.80
N PRO A 509 -0.09 5.32 20.87
CA PRO A 509 0.85 5.77 21.90
C PRO A 509 1.45 4.65 22.77
N TYR A 510 0.78 3.51 22.83
CA TYR A 510 1.28 2.34 23.56
C TYR A 510 2.40 1.67 22.78
N VAL A 511 2.20 1.53 21.48
CA VAL A 511 3.25 1.04 20.56
C VAL A 511 4.39 2.06 20.41
N LEU A 512 4.08 3.36 20.51
CA LEU A 512 5.10 4.41 20.56
C LEU A 512 5.97 4.31 21.81
N LYS A 513 5.37 3.98 22.95
CA LYS A 513 6.12 3.77 24.21
C LYS A 513 7.07 2.57 24.14
N LEU A 514 6.64 1.50 23.48
CA LEU A 514 7.45 0.28 23.36
C LEU A 514 8.73 0.42 22.52
N LEU A 515 8.88 1.55 21.82
CA LEU A 515 10.17 1.94 21.23
C LEU A 515 11.24 2.34 22.28
N GLN A 516 10.86 2.41 23.55
CA GLN A 516 11.81 2.61 24.65
C GLN A 516 12.30 1.31 25.27
N THR A 517 11.66 0.18 24.92
CA THR A 517 12.05 -1.13 25.44
C THR A 517 13.33 -1.63 24.75
N THR A 518 14.30 -2.06 25.56
CA THR A 518 15.59 -2.55 25.06
C THR A 518 15.56 -4.06 24.76
N THR A 519 14.67 -4.78 25.42
CA THR A 519 14.37 -6.18 25.13
C THR A 519 14.48 -6.51 23.63
N ASN A 520 15.56 -7.20 23.25
CA ASN A 520 15.80 -7.59 21.85
C ASN A 520 14.78 -8.58 21.27
N GLU A 521 14.02 -9.25 22.13
CA GLU A 521 12.90 -10.09 21.71
C GLU A 521 11.85 -9.29 20.91
N LEU A 522 11.47 -8.15 21.45
CA LEU A 522 10.39 -7.33 20.87
C LEU A 522 10.77 -6.55 19.60
N ARG A 523 12.07 -6.37 19.35
CA ARG A 523 12.51 -5.42 18.31
C ARG A 523 12.11 -5.78 16.87
N GLN A 524 12.17 -7.06 16.52
CA GLN A 524 11.78 -7.49 15.16
C GLN A 524 10.29 -7.27 14.87
N ILE A 525 9.44 -7.53 15.86
CA ILE A 525 7.99 -7.34 15.73
C ILE A 525 7.61 -5.85 15.77
N LEU A 526 8.32 -5.06 16.58
CA LEU A 526 8.06 -3.61 16.68
C LEU A 526 8.39 -2.86 15.39
N VAL A 527 9.47 -3.24 14.73
CA VAL A 527 9.81 -2.68 13.42
C VAL A 527 8.68 -3.00 12.41
N PHE A 528 8.22 -4.25 12.39
CA PHE A 528 7.13 -4.69 11.52
C PHE A 528 5.84 -3.91 11.76
N ILE A 529 5.46 -3.78 13.03
CA ILE A 529 4.27 -3.01 13.41
C ILE A 529 4.35 -1.57 12.91
N TRP A 530 5.49 -0.94 13.12
CA TRP A 530 5.71 0.46 12.72
C TRP A 530 5.81 0.68 11.21
N THR A 531 6.31 -0.32 10.50
CA THR A 531 6.30 -0.34 9.04
C THR A 531 4.86 -0.23 8.55
N LYS A 532 3.98 -1.06 9.10
CA LYS A 532 2.58 -1.14 8.65
C LYS A 532 1.84 0.16 8.92
N ILE A 533 2.07 0.72 10.11
CA ILE A 533 1.46 1.99 10.51
C ILE A 533 1.92 3.12 9.57
N LEU A 534 3.24 3.27 9.42
CA LEU A 534 3.82 4.31 8.56
C LEU A 534 3.59 4.11 7.07
N ALA A 535 3.27 2.88 6.66
CA ALA A 535 2.86 2.60 5.28
C ALA A 535 1.51 3.23 4.99
N LEU A 536 0.61 3.20 5.97
CA LEU A 536 -0.70 3.88 5.87
C LEU A 536 -0.57 5.39 6.12
N ASP A 537 -0.16 5.74 7.34
CA ASP A 537 -0.18 7.13 7.83
C ASP A 537 1.23 7.69 8.01
N LYS A 538 1.69 8.44 7.01
CA LYS A 538 3.02 9.07 7.02
C LYS A 538 3.21 10.07 8.18
N SER A 539 2.11 10.68 8.65
CA SER A 539 2.15 11.77 9.64
C SER A 539 2.72 11.45 11.02
N CYS A 540 2.76 10.17 11.39
CA CYS A 540 3.38 9.72 12.64
C CYS A 540 4.87 10.11 12.79
N GLN A 541 5.52 10.43 11.66
CA GLN A 541 6.72 11.28 11.59
C GLN A 541 6.98 12.12 12.83
N ILE A 542 5.99 12.93 13.17
CA ILE A 542 6.15 14.00 14.15
C ILE A 542 6.32 13.36 15.53
N ASP A 543 5.44 12.42 15.83
CA ASP A 543 5.40 11.79 17.15
C ASP A 543 6.61 10.89 17.40
N LEU A 544 7.08 10.19 16.37
CA LEU A 544 8.24 9.32 16.49
C LEU A 544 9.52 10.09 16.80
N VAL A 545 9.71 11.24 16.16
CA VAL A 545 10.92 12.05 16.34
C VAL A 545 10.91 12.78 17.69
N LYS A 546 9.75 13.34 18.06
CA LYS A 546 9.59 14.05 19.34
C LYS A 546 9.86 13.20 20.59
N ASP A 547 9.58 11.90 20.50
CA ASP A 547 9.85 10.95 21.60
C ASP A 547 11.16 10.16 21.43
N GLY A 548 11.91 10.41 20.36
CA GLY A 548 13.19 9.74 20.12
C GLY A 548 13.04 8.29 19.68
N GLY A 549 11.94 7.99 19.01
CA GLY A 549 11.72 6.68 18.41
C GLY A 549 12.60 6.45 17.20
N HIS A 550 13.06 7.52 16.56
CA HIS A 550 13.97 7.43 15.41
C HIS A 550 15.26 6.67 15.72
N THR A 551 15.78 6.85 16.93
CA THR A 551 16.97 6.12 17.39
C THR A 551 16.73 4.59 17.44
N TYR A 552 15.51 4.18 17.76
CA TYR A 552 15.17 2.75 17.78
C TYR A 552 15.52 2.05 16.47
N PHE A 553 15.14 2.65 15.35
CA PHE A 553 15.27 2.01 14.04
C PHE A 553 16.68 2.10 13.47
N ILE A 554 17.42 3.13 13.88
CA ILE A 554 18.83 3.31 13.48
C ILE A 554 19.68 2.22 14.15
N ARG A 555 19.40 1.91 15.41
CA ARG A 555 20.03 0.78 16.10
C ARG A 555 19.72 -0.54 15.42
N PHE A 556 18.48 -0.70 14.98
CA PHE A 556 18.05 -1.88 14.23
C PHE A 556 18.71 -1.98 12.86
N LEU A 557 19.15 -0.84 12.29
CA LEU A 557 19.99 -0.88 11.08
C LEU A 557 21.43 -1.33 11.38
N ASP A 558 22.02 -0.85 12.48
CA ASP A 558 23.33 -1.35 12.95
C ASP A 558 23.22 -2.84 13.22
N SER A 559 22.22 -3.20 14.02
CA SER A 559 21.71 -4.56 14.13
C SER A 559 22.67 -5.61 14.69
N SER A 560 22.44 -6.01 15.94
CA SER A 560 22.93 -7.30 16.43
C SER A 560 22.21 -8.42 15.66
N GLY A 561 20.91 -8.23 15.44
CA GLY A 561 20.09 -9.15 14.65
C GLY A 561 20.42 -9.11 13.16
N ALA A 562 19.89 -10.09 12.44
CA ALA A 562 20.18 -10.31 11.03
C ALA A 562 18.93 -10.04 10.18
N PHE A 563 18.86 -10.63 8.98
CA PHE A 563 17.67 -10.63 8.11
C PHE A 563 17.50 -9.26 7.42
N PRO A 564 17.93 -9.13 6.14
CA PRO A 564 17.84 -7.83 5.46
C PRO A 564 16.43 -7.43 5.00
N GLU A 565 15.46 -8.35 5.06
CA GLU A 565 14.04 -8.01 4.87
C GLU A 565 13.58 -7.10 6.00
N GLN A 566 14.06 -7.38 7.22
CA GLN A 566 13.76 -6.59 8.40
C GLN A 566 14.49 -5.24 8.36
N ARG A 567 15.72 -5.23 7.85
CA ARG A 567 16.50 -3.99 7.72
C ARG A 567 15.98 -3.06 6.62
N ALA A 568 15.35 -3.62 5.59
CA ALA A 568 14.66 -2.82 4.57
C ALA A 568 13.54 -2.01 5.21
N MET A 569 12.69 -2.70 5.97
CA MET A 569 11.66 -2.08 6.81
C MET A 569 12.21 -0.93 7.65
N ALA A 570 13.31 -1.20 8.35
CA ALA A 570 13.99 -0.20 9.19
C ALA A 570 14.45 1.02 8.41
N ALA A 571 15.01 0.78 7.22
CA ALA A 571 15.39 1.86 6.30
C ALA A 571 14.17 2.61 5.77
N PHE A 572 13.10 1.86 5.47
CA PHE A 572 11.82 2.45 5.03
C PHE A 572 11.18 3.32 6.11
N VAL A 573 11.09 2.78 7.32
CA VAL A 573 10.55 3.52 8.47
C VAL A 573 11.29 4.84 8.68
N LEU A 574 12.62 4.81 8.62
CA LEU A 574 13.44 6.03 8.72
C LEU A 574 13.27 7.00 7.54
N ALA A 575 13.06 6.45 6.34
CA ALA A 575 12.76 7.25 5.15
C ALA A 575 11.46 8.03 5.33
N VAL A 576 10.45 7.39 5.92
CA VAL A 576 9.15 8.03 6.20
C VAL A 576 9.29 9.09 7.29
N ILE A 577 10.01 8.74 8.36
CA ILE A 577 10.32 9.65 9.48
C ILE A 577 10.96 10.95 9.01
N VAL A 578 11.83 10.83 8.01
CA VAL A 578 12.62 11.93 7.48
C VAL A 578 11.87 12.74 6.40
N ASP A 579 11.04 12.07 5.59
CA ASP A 579 10.39 12.64 4.37
C ASP A 579 9.78 14.02 4.55
N GLY A 580 10.49 15.05 4.11
CA GLY A 580 10.04 16.44 4.23
C GLY A 580 9.84 16.94 5.65
N HIS A 581 10.62 16.37 6.59
CA HIS A 581 10.51 16.61 8.03
C HIS A 581 11.86 17.13 8.55
N ARG A 582 12.08 18.45 8.48
CA ARG A 582 13.43 19.00 8.74
C ARG A 582 13.91 18.77 10.17
N ARG A 583 12.99 18.52 11.10
CA ARG A 583 13.35 18.09 12.45
C ARG A 583 13.68 16.58 12.48
N GLY A 584 13.01 15.80 11.65
CA GLY A 584 13.35 14.38 11.45
C GLY A 584 14.66 14.17 10.71
N GLN A 585 14.93 15.03 9.72
CA GLN A 585 16.23 15.06 9.02
C GLN A 585 17.34 15.36 10.01
N GLU A 586 17.17 16.45 10.76
CA GLU A 586 18.13 16.90 11.79
C GLU A 586 18.39 15.86 12.87
N ALA A 587 17.33 15.23 13.37
CA ALA A 587 17.42 14.22 14.43
C ALA A 587 18.10 12.93 13.97
N CYS A 588 17.85 12.54 12.72
CA CYS A 588 18.53 11.39 12.11
C CYS A 588 19.95 11.71 11.62
N LEU A 589 20.22 12.97 11.31
CA LEU A 589 21.59 13.41 10.95
C LEU A 589 22.51 13.37 12.18
N GLU A 590 21.99 13.82 13.33
CA GLU A 590 22.69 13.71 14.62
C GLU A 590 22.99 12.27 15.05
N ALA A 591 22.13 11.34 14.64
CA ALA A 591 22.30 9.90 14.91
C ALA A 591 23.13 9.15 13.83
N ASN A 592 23.84 9.87 12.96
CA ASN A 592 24.78 9.29 11.98
C ASN A 592 24.12 8.34 10.98
N LEU A 593 22.87 8.63 10.61
CA LEU A 593 22.12 7.78 9.67
C LEU A 593 22.80 7.69 8.30
N ILE A 594 23.50 8.75 7.91
CA ILE A 594 24.31 8.74 6.69
C ILE A 594 25.38 7.67 6.83
N GLY A 595 26.16 7.75 7.91
CA GLY A 595 27.20 6.78 8.22
C GLY A 595 26.72 5.34 8.31
N VAL A 596 25.58 5.14 8.98
CA VAL A 596 24.98 3.81 9.12
C VAL A 596 24.59 3.27 7.75
N CYS A 597 23.78 4.02 7.02
CA CYS A 597 23.34 3.65 5.67
C CYS A 597 24.51 3.32 4.74
N LEU A 598 25.48 4.24 4.68
CA LEU A 598 26.64 4.09 3.78
C LEU A 598 27.55 2.91 4.17
N GLY A 599 27.51 2.50 5.45
CA GLY A 599 28.21 1.29 5.90
C GLY A 599 27.73 0.02 5.22
N HIS A 600 26.42 -0.11 5.07
CA HIS A 600 25.81 -1.28 4.40
C HIS A 600 26.07 -1.32 2.90
N LEU A 601 26.36 -0.16 2.30
CA LEU A 601 26.75 -0.05 0.89
C LEU A 601 28.26 -0.28 0.67
N GLU A 602 28.75 -1.44 1.12
CA GLU A 602 30.14 -1.85 0.92
C GLU A 602 30.26 -3.37 1.13
N GLU A 612 21.10 -7.39 -0.72
CA GLU A 612 19.83 -7.67 -1.39
C GLU A 612 19.15 -6.42 -1.99
N PRO A 613 18.38 -6.60 -3.10
CA PRO A 613 17.93 -5.46 -3.90
C PRO A 613 16.98 -4.50 -3.17
N LEU A 614 16.02 -5.05 -2.44
CA LEU A 614 15.09 -4.23 -1.65
C LEU A 614 15.84 -3.37 -0.63
N PHE A 615 16.87 -3.96 -0.02
CA PHE A 615 17.65 -3.27 1.00
C PHE A 615 18.52 -2.14 0.39
N LEU A 616 19.11 -2.42 -0.76
CA LEU A 616 19.83 -1.39 -1.52
C LEU A 616 18.90 -0.28 -2.00
N GLN A 617 17.66 -0.64 -2.36
CA GLN A 617 16.64 0.32 -2.77
C GLN A 617 16.37 1.30 -1.64
N TRP A 618 16.02 0.75 -0.48
CA TRP A 618 15.66 1.57 0.67
C TRP A 618 16.83 2.23 1.40
N LEU A 619 18.04 1.70 1.24
CA LEU A 619 19.24 2.42 1.70
C LEU A 619 19.40 3.73 0.93
N CYS A 620 19.13 3.68 -0.38
CA CYS A 620 19.16 4.88 -1.24
C CYS A 620 18.02 5.87 -0.93
N LEU A 621 16.79 5.35 -0.87
CA LEU A 621 15.62 6.19 -0.61
C LEU A 621 15.70 6.88 0.76
N CYS A 622 16.34 6.22 1.72
CA CYS A 622 16.60 6.81 3.04
C CYS A 622 17.61 7.96 2.95
N LEU A 623 18.74 7.69 2.32
CA LEU A 623 19.76 8.72 2.09
C LEU A 623 19.19 9.87 1.26
N GLY A 624 18.40 9.53 0.24
CA GLY A 624 17.80 10.52 -0.64
C GLY A 624 16.96 11.53 0.11
N LYS A 625 16.04 11.03 0.92
CA LYS A 625 15.17 11.87 1.72
C LYS A 625 15.90 12.65 2.82
N LEU A 626 17.00 12.09 3.32
CA LEU A 626 17.83 12.75 4.32
C LEU A 626 18.61 13.96 3.77
N TRP A 627 19.24 13.80 2.60
CA TRP A 627 19.89 14.92 1.88
C TRP A 627 18.90 16.05 1.60
N GLU A 628 17.71 15.65 1.16
CA GLU A 628 16.84 16.49 0.33
C GLU A 628 16.59 17.87 0.92
N ASP A 629 16.93 18.90 0.13
CA ASP A 629 16.68 20.30 0.47
C ASP A 629 17.25 20.67 1.86
N PHE A 630 18.42 20.12 2.17
CA PHE A 630 19.05 20.28 3.48
C PHE A 630 20.57 20.24 3.31
N MET A 631 21.13 21.40 2.98
CA MET A 631 22.57 21.60 2.74
C MET A 631 23.52 21.00 3.79
N GLU A 632 23.10 20.93 5.05
CA GLU A 632 23.92 20.34 6.12
C GLU A 632 24.13 18.83 5.95
N ALA A 633 23.10 18.12 5.52
CA ALA A 633 23.21 16.69 5.24
C ALA A 633 23.97 16.43 3.93
N GLN A 634 23.69 17.26 2.93
CA GLN A 634 24.38 17.19 1.63
C GLN A 634 25.89 17.34 1.79
N ILE A 635 26.31 18.27 2.65
CA ILE A 635 27.73 18.46 2.97
C ILE A 635 28.31 17.23 3.68
N MET A 636 27.54 16.65 4.61
CA MET A 636 27.93 15.38 5.25
C MET A 636 27.98 14.23 4.25
N GLY A 637 27.11 14.27 3.24
CA GLY A 637 27.09 13.27 2.17
C GLY A 637 28.32 13.27 1.28
N ARG A 638 28.72 14.45 0.83
CA ARG A 638 29.96 14.61 0.04
C ARG A 638 31.16 14.11 0.83
N GLU A 639 31.40 14.70 2.00
CA GLU A 639 32.61 14.40 2.78
C GLU A 639 32.65 12.98 3.39
N ALA A 640 31.52 12.28 3.40
CA ALA A 640 31.46 10.84 3.72
C ALA A 640 31.55 9.92 2.49
N ASN A 641 31.85 10.49 1.32
CA ASN A 641 31.89 9.77 0.02
C ASN A 641 30.60 8.98 -0.26
N ALA A 642 29.49 9.70 -0.30
CA ALA A 642 28.19 9.11 -0.65
C ALA A 642 28.16 8.78 -2.13
N PHE A 643 28.59 9.73 -2.96
CA PHE A 643 28.69 9.54 -4.41
C PHE A 643 29.45 8.26 -4.78
N GLU A 644 30.62 8.08 -4.19
CA GLU A 644 31.48 6.94 -4.53
C GLU A 644 30.91 5.58 -4.12
N LYS A 645 30.00 5.58 -3.14
CA LYS A 645 29.31 4.35 -2.70
C LYS A 645 27.94 4.16 -3.36
N LEU A 646 27.29 5.26 -3.76
CA LEU A 646 25.99 5.22 -4.45
C LEU A 646 26.12 4.90 -5.94
N ALA A 647 27.05 5.59 -6.60
CA ALA A 647 27.26 5.47 -8.06
C ALA A 647 27.30 4.03 -8.61
N PRO A 648 28.04 3.09 -7.98
CA PRO A 648 28.03 1.70 -8.51
C PRO A 648 26.66 1.00 -8.54
N LEU A 649 25.71 1.48 -7.75
CA LEU A 649 24.32 1.00 -7.77
C LEU A 649 23.57 1.44 -9.05
N LEU A 650 24.01 2.52 -9.68
CA LEU A 650 23.44 3.00 -10.96
C LEU A 650 23.49 1.95 -12.07
N SER A 651 24.35 0.94 -11.95
CA SER A 651 24.45 -0.15 -12.93
C SER A 651 24.00 -1.51 -12.39
N GLU A 652 23.17 -1.50 -11.35
CA GLU A 652 22.63 -2.75 -10.80
C GLU A 652 21.60 -3.32 -11.77
N PRO A 653 21.36 -4.64 -11.70
CA PRO A 653 20.41 -5.25 -12.62
C PRO A 653 18.95 -4.82 -12.42
N GLN A 654 18.56 -4.49 -11.19
CA GLN A 654 17.16 -4.14 -10.89
C GLN A 654 16.92 -2.65 -11.12
N PRO A 655 16.00 -2.28 -12.03
CA PRO A 655 15.64 -0.87 -12.24
C PRO A 655 15.22 -0.10 -10.98
N GLU A 656 14.58 -0.82 -10.06
CA GLU A 656 14.19 -0.27 -8.76
C GLU A 656 15.40 0.28 -8.00
N VAL A 657 16.52 -0.46 -8.05
CA VAL A 657 17.77 -0.07 -7.40
C VAL A 657 18.40 1.15 -8.09
N ARG A 658 18.46 1.08 -9.41
CA ARG A 658 19.06 2.14 -10.22
C ARG A 658 18.31 3.45 -10.07
N ALA A 659 16.98 3.37 -10.19
CA ALA A 659 16.08 4.52 -10.07
C ALA A 659 16.20 5.18 -8.70
N ALA A 660 16.32 4.37 -7.66
CA ALA A 660 16.50 4.86 -6.29
C ALA A 660 17.87 5.51 -6.13
N ALA A 661 18.91 4.90 -6.69
CA ALA A 661 20.25 5.48 -6.69
C ALA A 661 20.26 6.86 -7.35
N VAL A 662 19.60 6.95 -8.50
CA VAL A 662 19.43 8.22 -9.22
C VAL A 662 18.73 9.27 -8.36
N PHE A 663 17.68 8.88 -7.65
CA PHE A 663 16.97 9.78 -6.73
C PHE A 663 17.92 10.34 -5.68
N ALA A 664 18.71 9.46 -5.07
CA ALA A 664 19.65 9.83 -4.00
C ALA A 664 20.77 10.75 -4.49
N LEU A 665 21.40 10.37 -5.60
CA LEU A 665 22.37 11.25 -6.26
C LEU A 665 21.72 12.59 -6.67
N GLY A 666 20.47 12.53 -7.11
CA GLY A 666 19.70 13.73 -7.49
C GLY A 666 19.49 14.75 -6.37
N THR A 667 19.17 14.27 -5.17
CA THR A 667 18.91 15.13 -4.01
C THR A 667 20.17 15.60 -3.26
N LEU A 668 21.34 15.05 -3.57
CA LEU A 668 22.61 15.65 -3.09
C LEU A 668 22.91 17.02 -3.71
N LEU A 669 22.29 17.31 -4.85
CA LEU A 669 22.49 18.58 -5.57
C LEU A 669 21.74 19.75 -4.90
N ASP A 670 22.21 20.97 -5.18
CA ASP A 670 21.62 22.25 -4.69
C ASP A 670 22.04 22.54 -3.25
N GLU A 683 31.61 30.67 -15.06
CA GLU A 683 33.05 30.82 -15.30
C GLU A 683 33.83 29.59 -14.77
N PHE A 684 35.09 29.79 -14.37
CA PHE A 684 35.98 28.70 -13.93
C PHE A 684 36.30 28.80 -12.42
N ASP A 685 35.59 28.03 -11.60
CA ASP A 685 35.84 27.95 -10.16
C ASP A 685 35.62 26.51 -9.65
N ASP A 686 36.50 26.08 -8.73
CA ASP A 686 36.43 24.77 -8.09
C ASP A 686 36.44 24.94 -6.57
N ASP A 687 35.34 24.55 -5.93
CA ASP A 687 35.32 24.27 -4.50
C ASP A 687 34.61 22.94 -4.29
N GLU A 688 35.18 22.09 -3.44
CA GLU A 688 34.56 20.88 -2.89
C GLU A 688 33.27 20.39 -3.61
N LYS A 689 32.20 21.19 -3.54
CA LYS A 689 30.88 20.84 -4.13
C LYS A 689 30.85 20.74 -5.67
N ILE A 690 31.52 21.67 -6.37
CA ILE A 690 31.52 21.69 -7.85
C ILE A 690 32.10 20.40 -8.43
N ARG A 691 33.11 19.85 -7.78
CA ARG A 691 33.69 18.56 -8.17
C ARG A 691 32.64 17.45 -8.02
N ALA A 692 32.00 17.41 -6.85
CA ALA A 692 30.95 16.43 -6.54
C ALA A 692 29.74 16.54 -7.47
N GLU A 693 29.26 17.78 -7.66
CA GLU A 693 28.07 18.03 -8.47
C GLU A 693 28.31 17.82 -9.98
N ASP A 694 29.54 18.08 -10.45
CA ASP A 694 29.93 17.71 -11.82
C ASP A 694 29.97 16.20 -11.98
N ALA A 695 30.65 15.51 -11.06
CA ALA A 695 30.75 14.05 -11.09
C ALA A 695 29.40 13.35 -10.91
N ILE A 696 28.50 13.94 -10.11
CA ILE A 696 27.13 13.41 -9.92
C ILE A 696 26.34 13.49 -11.21
N ILE A 697 26.27 14.69 -11.81
CA ILE A 697 25.48 14.91 -13.03
C ILE A 697 26.05 14.13 -14.23
N LYS A 698 27.38 13.97 -14.31
CA LYS A 698 28.01 13.08 -15.29
C LYS A 698 27.48 11.66 -15.14
N SER A 699 27.52 11.11 -13.92
CA SER A 699 27.03 9.74 -13.66
C SER A 699 25.53 9.55 -13.89
N LEU A 700 24.73 10.59 -13.67
CA LEU A 700 23.29 10.57 -13.95
C LEU A 700 22.97 10.70 -15.42
N LEU A 701 23.77 11.49 -16.14
CA LEU A 701 23.66 11.57 -17.60
C LEU A 701 24.04 10.25 -18.29
N ASP A 702 24.92 9.46 -17.65
CA ASP A 702 25.27 8.12 -18.17
C ASP A 702 24.08 7.14 -18.19
N VAL A 703 23.09 7.37 -17.33
CA VAL A 703 21.90 6.53 -17.25
C VAL A 703 20.65 7.24 -17.84
N VAL A 704 20.87 8.24 -18.69
CA VAL A 704 19.80 8.91 -19.44
C VAL A 704 19.10 7.95 -20.39
N SER A 705 19.90 7.11 -21.05
CA SER A 705 19.43 6.23 -22.12
C SER A 705 19.04 4.83 -21.62
N ASP A 706 18.67 4.75 -20.33
CA ASP A 706 18.42 3.47 -19.65
C ASP A 706 17.22 2.73 -20.23
N GLY A 707 17.24 1.40 -20.13
CA GLY A 707 16.15 0.57 -20.67
C GLY A 707 14.81 0.71 -19.95
N SER A 708 14.84 1.06 -18.67
CA SER A 708 13.63 1.18 -17.84
C SER A 708 13.18 2.64 -17.68
N PRO A 709 11.93 2.95 -18.10
CA PRO A 709 11.36 4.26 -17.84
C PRO A 709 11.38 4.69 -16.36
N LEU A 710 11.31 3.71 -15.45
CA LEU A 710 11.45 3.96 -14.01
C LEU A 710 12.68 4.81 -13.70
N VAL A 711 13.78 4.47 -14.35
CA VAL A 711 15.07 5.09 -14.12
C VAL A 711 15.11 6.43 -14.83
N ARG A 712 14.75 6.41 -16.11
CA ARG A 712 14.75 7.60 -16.95
C ARG A 712 13.94 8.74 -16.39
N ALA A 713 12.80 8.41 -15.79
CA ALA A 713 11.94 9.39 -15.13
C ALA A 713 12.71 10.07 -14.00
N GLU A 714 13.40 9.28 -13.19
CA GLU A 714 14.18 9.82 -12.06
C GLU A 714 15.36 10.65 -12.53
N VAL A 715 16.02 10.20 -13.59
CA VAL A 715 17.10 10.96 -14.22
C VAL A 715 16.59 12.32 -14.70
N ALA A 716 15.37 12.33 -15.25
CA ALA A 716 14.75 13.58 -15.73
C ALA A 716 14.41 14.57 -14.60
N VAL A 717 13.97 14.05 -13.46
CA VAL A 717 13.68 14.89 -12.30
C VAL A 717 15.00 15.46 -11.74
N ALA A 718 16.02 14.62 -11.62
CA ALA A 718 17.35 15.06 -11.17
C ALA A 718 18.00 16.05 -12.14
N LEU A 719 17.76 15.88 -13.43
CA LEU A 719 18.20 16.88 -14.43
C LEU A 719 17.48 18.21 -14.24
N ALA A 720 16.17 18.17 -13.94
CA ALA A 720 15.39 19.37 -13.65
C ALA A 720 15.90 20.10 -12.42
N ARG A 721 16.27 19.34 -11.38
CA ARG A 721 16.90 19.90 -10.19
C ARG A 721 18.21 20.60 -10.57
N PHE A 722 19.11 19.87 -11.21
CA PHE A 722 20.38 20.43 -11.69
C PHE A 722 20.20 21.64 -12.62
N ALA A 723 19.22 21.52 -13.52
CA ALA A 723 18.87 22.59 -14.46
C ALA A 723 18.40 23.87 -13.75
N PHE A 724 17.69 23.68 -12.64
CA PHE A 724 17.17 24.80 -11.84
C PHE A 724 18.28 25.72 -11.30
N GLY A 725 19.40 25.12 -10.89
CA GLY A 725 20.55 25.89 -10.40
C GLY A 725 21.33 26.59 -11.49
N HIS A 726 21.65 25.84 -12.55
CA HIS A 726 22.55 26.30 -13.61
C HIS A 726 21.80 26.71 -14.88
N LYS A 727 20.80 27.58 -14.73
CA LYS A 727 20.00 28.07 -15.86
C LYS A 727 20.80 28.93 -16.83
N GLN A 728 21.71 29.74 -16.30
CA GLN A 728 22.52 30.67 -17.10
C GLN A 728 23.46 29.88 -18.00
N HIS A 729 24.25 28.98 -17.39
CA HIS A 729 25.13 28.05 -18.12
C HIS A 729 24.38 27.27 -19.20
N LEU A 730 23.25 26.69 -18.80
CA LEU A 730 22.46 25.83 -19.69
C LEU A 730 21.66 26.57 -20.77
N LYS A 731 21.42 27.87 -20.57
CA LYS A 731 20.88 28.73 -21.65
C LYS A 731 21.92 28.96 -22.74
N LEU A 732 23.14 29.32 -22.34
CA LEU A 732 24.25 29.53 -23.29
C LEU A 732 24.62 28.27 -24.06
N ALA A 733 24.52 27.11 -23.42
CA ALA A 733 24.74 25.83 -24.08
C ALA A 733 23.68 25.53 -25.14
N ALA A 734 22.44 25.92 -24.85
CA ALA A 734 21.32 25.77 -25.79
C ALA A 734 21.37 26.70 -27.01
N ALA A 735 22.14 27.79 -26.92
CA ALA A 735 22.35 28.69 -28.06
C ALA A 735 23.25 28.06 -29.13
N SER A 736 24.38 27.51 -28.70
CA SER A 736 25.39 26.95 -29.61
C SER A 736 24.99 25.59 -30.23
N TYR A 737 24.30 24.77 -29.45
CA TYR A 737 23.83 23.45 -29.88
C TYR A 737 22.79 23.55 -30.99
N TRP A 738 21.79 24.39 -30.79
CA TRP A 738 20.76 24.69 -31.81
C TRP A 738 21.32 25.69 -32.83
N ALA A 834 31.69 22.63 -20.19
CA ALA A 834 31.92 21.34 -20.84
C ALA A 834 30.79 20.35 -20.58
N VAL A 835 30.47 20.15 -19.31
CA VAL A 835 29.43 19.20 -18.87
C VAL A 835 28.01 19.67 -19.22
N TYR A 836 27.85 20.99 -19.41
CA TYR A 836 26.54 21.58 -19.71
C TYR A 836 26.05 21.27 -21.13
N SER A 837 26.97 21.12 -22.08
CA SER A 837 26.63 20.70 -23.45
C SER A 837 26.03 19.29 -23.48
N GLN A 838 26.61 18.40 -22.68
CA GLN A 838 26.10 17.05 -22.49
C GLN A 838 24.66 17.09 -21.92
N CYS A 839 24.45 17.96 -20.93
CA CYS A 839 23.12 18.15 -20.30
C CYS A 839 22.00 18.50 -21.29
N VAL A 840 22.30 19.40 -22.22
CA VAL A 840 21.32 19.89 -23.19
C VAL A 840 20.89 18.78 -24.16
N ARG A 841 21.86 18.01 -24.67
CA ARG A 841 21.56 16.82 -25.48
C ARG A 841 20.58 15.90 -24.77
N ALA A 842 20.84 15.65 -23.49
CA ALA A 842 20.01 14.76 -22.66
C ALA A 842 18.58 15.25 -22.47
N MET A 843 18.40 16.56 -22.41
CA MET A 843 17.06 17.15 -22.31
C MET A 843 16.28 16.92 -23.58
N PHE A 844 16.88 17.31 -24.71
CA PHE A 844 16.26 17.10 -26.03
C PHE A 844 16.09 15.64 -26.40
N ALA A 845 16.96 14.77 -25.89
CA ALA A 845 16.84 13.32 -26.05
C ALA A 845 15.67 12.76 -25.24
N LEU A 846 15.58 13.19 -23.99
CA LEU A 846 14.41 12.91 -23.14
C LEU A 846 13.12 13.48 -23.71
N ALA A 847 13.19 14.65 -24.35
CA ALA A 847 12.02 15.29 -24.97
C ALA A 847 11.43 14.53 -26.15
N LYS A 848 12.19 13.60 -26.74
CA LYS A 848 11.73 12.74 -27.82
C LYS A 848 11.77 11.25 -27.45
N ASP A 849 11.60 10.95 -26.17
CA ASP A 849 11.68 9.59 -25.66
C ASP A 849 10.43 8.81 -26.11
N PRO A 850 10.56 7.49 -26.35
CA PRO A 850 9.37 6.71 -26.73
C PRO A 850 8.30 6.49 -25.64
N SER A 851 8.63 6.64 -24.35
CA SER A 851 7.62 6.64 -23.29
C SER A 851 7.07 8.06 -23.16
N PRO A 852 5.78 8.27 -23.46
CA PRO A 852 5.28 9.66 -23.53
C PRO A 852 5.25 10.42 -22.19
N ARG A 853 5.23 9.72 -21.07
CA ARG A 853 5.39 10.36 -19.78
C ARG A 853 6.84 10.84 -19.60
N ILE A 854 7.82 10.03 -19.98
CA ILE A 854 9.23 10.47 -19.95
C ILE A 854 9.43 11.63 -20.91
N ALA A 855 8.73 11.59 -22.04
CA ALA A 855 8.85 12.64 -23.07
C ALA A 855 8.36 13.98 -22.56
N SER A 856 7.21 13.99 -21.89
CA SER A 856 6.68 15.20 -21.29
C SER A 856 7.53 15.69 -20.10
N LEU A 857 8.18 14.76 -19.39
CA LEU A 857 9.17 15.12 -18.36
C LEU A 857 10.36 15.89 -18.95
N GLY A 858 10.90 15.40 -20.06
CA GLY A 858 11.98 16.08 -20.76
C GLY A 858 11.58 17.45 -21.28
N ARG A 859 10.34 17.56 -21.74
CA ARG A 859 9.77 18.84 -22.18
C ARG A 859 9.53 19.81 -21.02
N ARG A 860 9.33 19.28 -19.81
CA ARG A 860 9.31 20.10 -18.60
C ARG A 860 10.70 20.70 -18.32
N VAL A 861 11.73 19.85 -18.40
CA VAL A 861 13.10 20.30 -18.12
C VAL A 861 13.49 21.43 -19.09
N LEU A 862 13.16 21.25 -20.36
CA LEU A 862 13.38 22.29 -21.37
C LEU A 862 12.74 23.62 -21.02
N SER A 863 11.51 23.60 -20.54
CA SER A 863 10.79 24.83 -20.17
C SER A 863 11.37 25.50 -18.92
N ILE A 864 12.00 24.72 -18.04
CA ILE A 864 12.72 25.27 -16.88
C ILE A 864 13.95 26.07 -17.33
N ILE A 865 14.68 25.53 -18.30
CA ILE A 865 15.79 26.25 -18.97
C ILE A 865 15.33 27.47 -19.78
N GLY A 866 14.10 27.45 -20.27
CA GLY A 866 13.55 28.53 -21.09
C GLY A 866 13.56 28.25 -22.58
N ILE A 867 13.35 26.99 -22.94
CA ILE A 867 13.17 26.56 -24.33
C ILE A 867 11.74 26.01 -24.39
N GLU A 868 10.85 26.71 -25.12
CA GLU A 868 9.40 26.41 -25.10
C GLU A 868 8.70 26.75 -26.43
N GLU A 900 8.10 29.80 -7.88
CA GLU A 900 8.62 29.34 -9.17
C GLU A 900 9.29 27.95 -9.14
N ARG A 901 9.75 27.52 -7.96
CA ARG A 901 10.26 26.14 -7.71
C ARG A 901 9.15 25.09 -7.89
N SER A 902 7.90 25.51 -7.73
CA SER A 902 6.71 24.71 -8.04
C SER A 902 6.66 24.13 -9.46
N LEU A 903 7.38 24.75 -10.40
CA LEU A 903 7.51 24.21 -11.75
C LEU A 903 8.32 22.92 -11.81
N LEU A 904 9.22 22.69 -10.86
CA LEU A 904 10.04 21.48 -10.88
C LEU A 904 9.18 20.24 -10.81
N PRO A 905 9.45 19.25 -11.68
CA PRO A 905 8.76 17.97 -11.54
C PRO A 905 9.28 17.24 -10.31
N LEU A 906 8.46 16.33 -9.80
CA LEU A 906 8.73 15.65 -8.54
C LEU A 906 8.96 14.15 -8.76
N SER A 907 9.93 13.62 -8.01
CA SER A 907 10.27 12.20 -8.05
C SER A 907 9.08 11.34 -7.62
N THR A 908 9.08 10.11 -8.14
CA THR A 908 8.02 9.13 -7.88
C THR A 908 8.48 7.79 -7.29
N ILE A 909 9.75 7.41 -7.55
CA ILE A 909 10.34 6.15 -7.06
C ILE A 909 10.11 5.86 -5.58
N TYR A 910 10.22 6.88 -4.73
CA TYR A 910 9.97 6.73 -3.30
C TYR A 910 8.50 6.36 -3.06
N GLY A 911 7.61 7.16 -3.64
CA GLY A 911 6.17 6.99 -3.47
C GLY A 911 5.63 5.68 -4.00
N TRP A 912 6.21 5.21 -5.09
CA TRP A 912 5.88 3.90 -5.64
C TRP A 912 6.36 2.77 -4.71
N SER A 913 7.62 2.85 -4.29
CA SER A 913 8.25 1.81 -3.48
C SER A 913 7.59 1.60 -2.11
N CYS A 914 7.04 2.68 -1.53
CA CYS A 914 6.27 2.60 -0.27
C CYS A 914 5.12 1.60 -0.39
N GLY A 915 4.51 1.55 -1.58
CA GLY A 915 3.47 0.58 -1.92
C GLY A 915 3.73 -0.87 -1.53
N HIS A 916 5.00 -1.27 -1.57
CA HIS A 916 5.42 -2.58 -1.09
C HIS A 916 4.92 -2.85 0.33
N PHE A 917 5.20 -1.94 1.24
CA PHE A 917 4.91 -2.14 2.66
C PHE A 917 3.44 -1.96 3.02
N SER A 918 2.73 -1.12 2.27
CA SER A 918 1.30 -0.88 2.49
C SER A 918 0.43 -2.02 1.94
N LYS A 919 0.89 -3.24 2.09
CA LYS A 919 0.40 -4.38 1.35
C LYS A 919 0.89 -5.60 2.10
N PRO A 920 0.10 -6.71 2.12
CA PRO A 920 0.48 -7.96 2.81
C PRO A 920 1.91 -8.47 2.53
N LEU A 921 2.49 -9.17 3.50
CA LEU A 921 3.88 -9.68 3.42
C LEU A 921 3.96 -11.19 3.73
N SER A 928 -1.93 -17.76 -9.22
CA SER A 928 -1.11 -18.91 -8.82
C SER A 928 -1.50 -20.17 -9.61
N GLN A 929 -2.67 -20.72 -9.30
CA GLN A 929 -3.13 -22.01 -9.87
C GLN A 929 -3.86 -21.88 -11.21
N GLU A 930 -4.49 -20.74 -11.48
CA GLU A 930 -4.95 -20.41 -12.85
C GLU A 930 -3.78 -19.97 -13.74
N ILE A 931 -2.72 -19.43 -13.15
CA ILE A 931 -1.55 -18.97 -13.92
C ILE A 931 -0.85 -20.15 -14.59
N ALA A 932 -0.56 -21.20 -13.81
CA ALA A 932 0.07 -22.42 -14.35
C ALA A 932 -0.85 -23.26 -15.27
N ALA A 933 -2.17 -23.11 -15.11
CA ALA A 933 -3.16 -23.89 -15.87
C ALA A 933 -3.20 -23.49 -17.34
N LYS A 934 -3.38 -22.19 -17.60
CA LYS A 934 -3.34 -21.64 -18.96
C LYS A 934 -1.92 -21.65 -19.55
N ARG A 935 -0.90 -21.73 -18.70
CA ARG A 935 0.49 -21.89 -19.14
C ARG A 935 0.68 -23.28 -19.75
N GLU A 936 0.29 -24.31 -19.00
CA GLU A 936 0.37 -25.70 -19.47
C GLU A 936 -0.60 -26.00 -20.62
N GLU A 937 -1.76 -25.35 -20.62
CA GLU A 937 -2.75 -25.41 -21.72
C GLU A 937 -2.11 -25.15 -23.07
N LYS A 938 -1.38 -24.04 -23.15
CA LYS A 938 -0.71 -23.61 -24.38
C LYS A 938 0.50 -24.48 -24.71
N GLU A 939 1.23 -24.92 -23.69
CA GLU A 939 2.36 -25.83 -23.85
C GLU A 939 1.97 -27.17 -24.51
N LYS A 940 0.81 -27.70 -24.13
CA LYS A 940 0.24 -28.91 -24.77
C LYS A 940 -0.02 -28.66 -26.25
N PHE A 941 -0.76 -27.59 -26.55
CA PHE A 941 -1.06 -27.19 -27.92
C PHE A 941 0.21 -26.94 -28.72
N ALA A 942 1.22 -26.35 -28.08
CA ALA A 942 2.50 -26.07 -28.74
C ALA A 942 3.22 -27.35 -29.12
N LEU A 943 3.50 -28.19 -28.12
CA LEU A 943 4.27 -29.42 -28.32
C LEU A 943 3.60 -30.39 -29.30
N GLU A 944 2.28 -30.49 -29.23
CA GLU A 944 1.51 -31.33 -30.15
C GLU A 944 1.59 -30.81 -31.59
N HIS A 945 1.33 -29.51 -31.77
CA HIS A 945 1.37 -28.89 -33.10
C HIS A 945 2.78 -28.69 -33.67
N ILE A 946 3.80 -28.72 -32.81
CA ILE A 946 5.21 -28.76 -33.24
C ILE A 946 5.47 -30.07 -33.99
N ALA A 947 5.16 -31.19 -33.33
CA ALA A 947 5.26 -32.51 -33.94
C ALA A 947 4.50 -32.56 -35.27
N LYS A 948 3.24 -32.09 -35.26
CA LYS A 948 2.39 -32.05 -36.46
C LYS A 948 3.01 -31.28 -37.61
N CYS A 949 3.55 -30.10 -37.30
CA CYS A 949 4.21 -29.29 -38.32
C CYS A 949 5.32 -30.09 -39.00
N GLN A 950 6.21 -30.65 -38.17
CA GLN A 950 7.35 -31.46 -38.63
C GLN A 950 6.93 -32.66 -39.49
N HIS A 951 6.11 -33.53 -38.91
CA HIS A 951 5.84 -34.87 -39.46
C HIS A 951 4.72 -34.98 -40.51
N SER A 952 3.86 -33.98 -40.60
CA SER A 952 2.84 -33.94 -41.66
C SER A 952 3.52 -33.69 -43.00
N SER A 953 3.24 -34.55 -43.97
CA SER A 953 3.67 -34.34 -45.35
C SER A 953 2.84 -33.17 -45.90
N ILE A 954 3.45 -31.98 -45.89
CA ILE A 954 2.76 -30.76 -46.28
C ILE A 954 2.58 -30.76 -47.78
N SER A 955 1.34 -30.99 -48.20
CA SER A 955 0.95 -30.96 -49.61
C SER A 955 0.94 -29.52 -50.15
N LYS A 956 0.46 -29.33 -51.38
CA LYS A 956 0.41 -28.02 -52.04
C LYS A 956 -0.35 -26.94 -51.26
N LEU A 957 -0.09 -25.69 -51.66
CA LEU A 957 -0.84 -24.54 -51.17
C LEU A 957 -2.26 -24.57 -51.72
N ASN A 958 -3.22 -24.11 -50.90
CA ASN A 958 -4.59 -23.86 -51.36
C ASN A 958 -4.66 -22.37 -51.78
N ASN A 959 -4.76 -22.14 -53.08
CA ASN A 959 -4.62 -20.79 -53.65
C ASN A 959 -5.83 -19.89 -53.34
N ASN A 960 -7.02 -20.51 -53.17
CA ASN A 960 -8.20 -19.80 -52.65
C ASN A 960 -7.90 -19.23 -51.26
N PRO A 961 -7.80 -17.88 -51.14
CA PRO A 961 -7.48 -17.31 -49.83
C PRO A 961 -8.64 -17.39 -48.83
N ILE A 962 -8.33 -17.61 -47.56
CA ILE A 962 -9.36 -17.58 -46.50
C ILE A 962 -9.82 -16.14 -46.22
N ALA A 963 -8.93 -15.16 -46.38
CA ALA A 963 -9.30 -13.74 -46.31
C ALA A 963 -8.55 -12.89 -47.35
N ASN A 964 -9.13 -11.75 -47.71
CA ASN A 964 -8.49 -10.72 -48.55
C ASN A 964 -8.83 -9.36 -47.91
N TRP A 965 -8.31 -9.16 -46.70
CA TRP A 965 -8.79 -8.11 -45.82
C TRP A 965 -8.27 -6.72 -46.14
N ASP A 966 -9.21 -5.79 -46.33
CA ASP A 966 -8.91 -4.37 -46.53
C ASP A 966 -8.57 -3.72 -45.18
N THR A 967 -7.26 -3.55 -44.94
CA THR A 967 -6.74 -2.75 -43.83
C THR A 967 -7.18 -1.29 -43.89
N ARG A 968 -7.31 -0.77 -45.11
CA ARG A 968 -7.43 0.66 -45.41
C ARG A 968 -6.13 1.42 -45.10
N PHE A 969 -5.01 0.71 -45.18
CA PHE A 969 -3.71 1.37 -45.19
C PHE A 969 -3.55 1.92 -46.60
N GLU A 970 -3.88 3.20 -46.77
CA GLU A 970 -3.81 3.88 -48.08
C GLU A 970 -2.50 3.60 -48.83
N THR A 971 -1.38 3.61 -48.10
CA THR A 971 -0.06 3.32 -48.66
C THR A 971 0.21 1.82 -48.72
N GLY A 972 -0.34 1.08 -47.75
CA GLY A 972 -0.34 -0.38 -47.76
C GLY A 972 0.28 -0.98 -46.51
N THR A 973 0.11 -2.29 -46.37
CA THR A 973 0.67 -3.06 -45.26
C THR A 973 2.18 -3.24 -45.45
N LYS A 974 2.95 -2.95 -44.39
CA LYS A 974 4.41 -3.11 -44.39
C LYS A 974 4.90 -4.31 -43.58
N THR A 975 4.17 -4.70 -42.55
CA THR A 975 4.46 -5.94 -41.83
C THR A 975 3.22 -6.49 -41.13
N ALA A 976 3.33 -7.73 -40.67
CA ALA A 976 2.24 -8.41 -39.99
C ALA A 976 2.74 -9.57 -39.16
N LEU A 977 1.87 -10.10 -38.31
CA LEU A 977 2.24 -11.14 -37.37
C LEU A 977 1.02 -12.01 -37.01
N LEU A 978 1.21 -13.33 -37.06
CA LEU A 978 0.16 -14.29 -36.68
C LEU A 978 0.31 -14.70 -35.22
N HIS A 979 -0.82 -14.89 -34.54
CA HIS A 979 -0.84 -15.26 -33.13
C HIS A 979 -0.79 -16.79 -33.01
N PRO A 980 0.03 -17.33 -32.07
CA PRO A 980 0.15 -18.78 -31.92
C PRO A 980 -1.09 -19.49 -31.39
N PHE A 981 -1.66 -18.97 -30.32
CA PHE A 981 -2.73 -19.65 -29.60
C PHE A 981 -4.13 -19.05 -29.78
N SER A 982 -4.33 -18.23 -30.80
CA SER A 982 -5.65 -17.64 -31.08
C SER A 982 -5.76 -17.18 -32.54
N PRO A 983 -6.99 -16.97 -33.04
CA PRO A 983 -7.16 -16.61 -34.44
C PRO A 983 -7.04 -15.11 -34.66
N ILE A 984 -5.81 -14.60 -34.60
CA ILE A 984 -5.55 -13.16 -34.67
C ILE A 984 -4.38 -12.84 -35.61
N VAL A 985 -4.57 -11.81 -36.44
CA VAL A 985 -3.48 -11.15 -37.17
C VAL A 985 -3.27 -9.78 -36.52
N VAL A 986 -2.01 -9.38 -36.42
CA VAL A 986 -1.63 -7.99 -36.15
C VAL A 986 -0.95 -7.49 -37.43
N ALA A 987 -1.37 -6.32 -37.92
CA ALA A 987 -0.77 -5.71 -39.11
C ALA A 987 -0.35 -4.29 -38.78
N ALA A 988 0.55 -3.73 -39.60
CA ALA A 988 1.09 -2.38 -39.37
C ALA A 988 1.27 -1.56 -40.65
N ASP A 989 0.90 -0.28 -40.58
CA ASP A 989 1.07 0.69 -41.68
C ASP A 989 2.52 1.16 -41.72
N GLU A 990 2.88 1.88 -42.78
CA GLU A 990 4.19 2.53 -42.86
C GLU A 990 4.36 3.68 -41.86
N ASN A 991 3.23 4.23 -41.40
CA ASN A 991 3.24 5.26 -40.34
C ASN A 991 2.95 4.67 -38.93
N GLU A 992 3.22 3.38 -38.76
CA GLU A 992 3.13 2.66 -37.49
C GLU A 992 1.74 2.58 -36.83
N ARG A 993 0.67 2.71 -37.61
CA ARG A 993 -0.67 2.36 -37.11
C ARG A 993 -0.68 0.86 -36.85
N ILE A 994 -1.50 0.42 -35.91
CA ILE A 994 -1.64 -1.02 -35.63
C ILE A 994 -3.11 -1.38 -35.65
N ARG A 995 -3.43 -2.44 -36.38
CA ARG A 995 -4.75 -3.03 -36.42
C ARG A 995 -4.59 -4.46 -35.96
N VAL A 996 -5.56 -4.94 -35.18
CA VAL A 996 -5.58 -6.32 -34.71
C VAL A 996 -6.81 -7.01 -35.32
N TRP A 997 -6.63 -7.62 -36.49
CA TRP A 997 -7.72 -8.31 -37.21
C TRP A 997 -7.90 -9.76 -36.74
N ASN A 998 -9.15 -10.20 -36.70
CA ASN A 998 -9.50 -11.59 -36.37
C ASN A 998 -9.90 -12.27 -37.68
N TYR A 999 -9.25 -13.40 -37.97
CA TYR A 999 -9.48 -14.15 -39.21
C TYR A 999 -10.47 -15.31 -39.10
N GLU A 1000 -10.85 -15.68 -37.87
CA GLU A 1000 -11.93 -16.66 -37.62
C GLU A 1000 -13.31 -16.00 -37.47
N GLU A 1001 -13.34 -14.82 -36.85
CA GLU A 1001 -14.56 -14.01 -36.66
C GLU A 1001 -14.75 -12.91 -37.73
N ALA A 1002 -13.75 -12.71 -38.59
CA ALA A 1002 -13.73 -11.66 -39.63
C ALA A 1002 -13.88 -10.22 -39.09
N THR A 1003 -13.50 -10.01 -37.82
CA THR A 1003 -13.75 -8.76 -37.09
C THR A 1003 -12.45 -8.05 -36.68
N LEU A 1004 -12.51 -6.72 -36.57
CA LEU A 1004 -11.43 -5.92 -35.96
C LEU A 1004 -11.52 -6.06 -34.44
N LEU A 1005 -10.37 -6.13 -33.78
CA LEU A 1005 -10.32 -6.19 -32.31
C LEU A 1005 -9.74 -4.91 -31.70
N ASN A 1006 -8.76 -4.27 -32.35
CA ASN A 1006 -8.24 -2.97 -31.87
C ASN A 1006 -7.60 -2.11 -32.98
N GLY A 1007 -7.45 -0.82 -32.67
CA GLY A 1007 -6.75 0.14 -33.53
C GLY A 1007 -5.88 1.06 -32.69
N PHE A 1008 -4.65 1.29 -33.16
CA PHE A 1008 -3.64 2.08 -32.43
C PHE A 1008 -3.21 3.26 -33.27
N ASP A 1009 -2.45 4.11 -32.61
CA ASP A 1009 -1.31 4.79 -33.21
C ASP A 1009 -0.15 4.41 -32.29
N ASN A 1010 0.84 3.68 -32.80
CA ASN A 1010 2.10 3.50 -32.06
C ASN A 1010 2.77 4.86 -32.16
N HIS A 1011 2.89 5.53 -31.02
CA HIS A 1011 3.40 6.91 -30.94
C HIS A 1011 2.73 8.00 -31.80
N ASP A 1012 2.82 9.24 -31.31
CA ASP A 1012 2.23 10.43 -31.95
C ASP A 1012 3.24 11.32 -32.69
N PHE A 1013 4.53 10.96 -32.68
CA PHE A 1013 5.59 11.74 -33.36
C PHE A 1013 5.40 11.77 -34.87
N PRO A 1014 5.78 12.89 -35.53
CA PRO A 1014 5.59 13.06 -36.98
C PRO A 1014 6.44 12.13 -37.86
N ASP A 1015 7.69 11.89 -37.47
CA ASP A 1015 8.60 11.01 -38.23
C ASP A 1015 8.30 9.56 -37.90
N LYS A 1016 7.68 8.86 -38.85
CA LYS A 1016 7.25 7.47 -38.63
C LYS A 1016 8.17 6.47 -39.33
N GLY A 1017 7.94 5.20 -39.05
CA GLY A 1017 8.58 4.09 -39.77
C GLY A 1017 8.51 2.77 -39.02
N ILE A 1018 7.72 1.82 -39.53
CA ILE A 1018 7.62 0.48 -38.89
C ILE A 1018 8.83 -0.37 -39.26
N SER A 1019 9.38 -1.05 -38.26
CA SER A 1019 10.51 -1.98 -38.45
C SER A 1019 10.20 -3.43 -38.10
N LYS A 1020 9.41 -3.69 -37.06
CA LYS A 1020 9.18 -5.07 -36.58
C LYS A 1020 7.97 -5.21 -35.67
N LEU A 1021 7.34 -6.39 -35.72
CA LEU A 1021 6.35 -6.82 -34.73
C LEU A 1021 6.76 -8.18 -34.17
N CYS A 1022 6.80 -8.28 -32.84
CA CYS A 1022 7.11 -9.54 -32.15
C CYS A 1022 6.14 -9.76 -31.01
N LEU A 1023 6.03 -11.01 -30.57
CA LEU A 1023 5.29 -11.34 -29.35
C LEU A 1023 6.24 -11.77 -28.25
N ILE A 1024 6.13 -11.11 -27.11
CA ILE A 1024 6.87 -11.43 -25.90
C ILE A 1024 5.89 -12.13 -24.95
N ASN A 1025 6.37 -13.20 -24.31
CA ASN A 1025 5.57 -14.03 -23.40
C ASN A 1025 4.37 -14.68 -24.09
N GLU A 1026 4.63 -15.38 -25.19
CA GLU A 1026 3.57 -16.09 -25.93
C GLU A 1026 2.83 -17.04 -25.02
N LEU A 1027 3.57 -17.69 -24.13
CA LEU A 1027 3.02 -18.75 -23.29
C LEU A 1027 2.14 -18.26 -22.13
N ASP A 1028 2.19 -16.97 -21.78
CA ASP A 1028 1.21 -16.41 -20.83
C ASP A 1028 1.01 -14.89 -20.95
N ASP A 1029 -0.03 -14.53 -21.71
CA ASP A 1029 -0.48 -13.14 -21.92
C ASP A 1029 0.53 -12.34 -22.74
N SER A 1030 0.36 -12.44 -24.05
CA SER A 1030 1.31 -11.91 -25.01
C SER A 1030 1.32 -10.38 -25.01
N LEU A 1031 2.52 -9.82 -25.08
CA LEU A 1031 2.72 -8.39 -25.23
C LEU A 1031 3.23 -8.14 -26.64
N LEU A 1032 2.74 -7.09 -27.29
CA LEU A 1032 3.12 -6.77 -28.67
C LEU A 1032 4.29 -5.79 -28.71
N LEU A 1033 5.48 -6.27 -29.06
CA LEU A 1033 6.62 -5.41 -29.36
C LEU A 1033 6.41 -4.73 -30.70
N VAL A 1034 6.71 -3.44 -30.78
CA VAL A 1034 6.63 -2.65 -32.02
C VAL A 1034 7.90 -1.82 -32.18
N ALA A 1035 8.86 -2.37 -32.92
CA ALA A 1035 10.13 -1.70 -33.19
C ALA A 1035 9.97 -0.76 -34.37
N SER A 1036 10.66 0.37 -34.30
CA SER A 1036 10.57 1.42 -35.32
C SER A 1036 11.91 1.61 -36.02
N CYS A 1037 11.87 2.23 -37.19
CA CYS A 1037 13.07 2.40 -38.01
C CYS A 1037 14.12 3.27 -37.36
N ASP A 1038 13.72 4.15 -36.45
CA ASP A 1038 14.69 4.93 -35.66
C ASP A 1038 15.25 4.18 -34.43
N GLY A 1039 14.88 2.91 -34.26
CA GLY A 1039 15.44 2.05 -33.21
C GLY A 1039 14.62 1.98 -31.94
N SER A 1040 13.59 2.82 -31.81
CA SER A 1040 12.78 2.79 -30.60
C SER A 1040 11.90 1.54 -30.58
N VAL A 1041 11.70 1.03 -29.38
CA VAL A 1041 10.94 -0.18 -29.10
C VAL A 1041 9.78 0.23 -28.21
N ARG A 1042 8.58 -0.30 -28.49
CA ARG A 1042 7.41 -0.06 -27.65
C ARG A 1042 6.65 -1.39 -27.49
N ILE A 1043 6.43 -1.79 -26.24
CA ILE A 1043 5.78 -3.06 -25.92
C ILE A 1043 4.43 -2.78 -25.25
N TRP A 1044 3.38 -3.43 -25.77
CA TRP A 1044 1.99 -3.10 -25.43
C TRP A 1044 1.24 -4.26 -24.77
N LYS A 1045 0.57 -3.98 -23.65
CA LYS A 1045 -0.31 -4.94 -22.99
C LYS A 1045 -1.72 -4.78 -23.52
N ASN A 1046 -2.50 -5.86 -23.43
CA ASN A 1046 -3.92 -5.86 -23.79
C ASN A 1046 -4.19 -5.32 -25.22
N TYR A 1047 -3.30 -5.63 -26.16
CA TYR A 1047 -3.42 -5.14 -27.54
C TYR A 1047 -4.62 -5.73 -28.30
N ALA A 1048 -5.12 -6.89 -27.85
CA ALA A 1048 -6.29 -7.55 -28.44
C ALA A 1048 -7.65 -7.06 -27.90
N THR A 1049 -7.65 -6.19 -26.89
CA THR A 1049 -8.87 -5.58 -26.32
C THR A 1049 -9.43 -4.50 -27.27
N LYS A 1050 -10.70 -4.12 -27.10
CA LYS A 1050 -11.36 -3.11 -27.97
C LYS A 1050 -10.66 -1.75 -28.07
N GLY A 1051 -10.20 -1.23 -26.94
CA GLY A 1051 -9.31 -0.07 -26.92
C GLY A 1051 -8.62 0.21 -25.60
N LYS A 1052 -8.28 -0.85 -24.87
CA LYS A 1052 -7.72 -0.76 -23.53
C LYS A 1052 -6.29 -1.28 -23.55
N GLN A 1053 -5.43 -0.58 -24.29
CA GLN A 1053 -4.06 -1.04 -24.55
C GLN A 1053 -3.02 -0.09 -24.00
N LYS A 1054 -2.45 -0.41 -22.84
CA LYS A 1054 -1.45 0.44 -22.22
C LYS A 1054 -0.05 0.13 -22.77
N LEU A 1055 0.79 1.16 -22.82
CA LEU A 1055 2.20 1.01 -23.16
C LEU A 1055 2.94 0.56 -21.91
N VAL A 1056 3.52 -0.64 -21.96
CA VAL A 1056 4.22 -1.22 -20.81
C VAL A 1056 5.60 -0.57 -20.63
N THR A 1057 6.41 -0.61 -21.69
CA THR A 1057 7.73 0.01 -21.68
C THR A 1057 8.05 0.48 -23.06
N GLY A 1058 8.82 1.57 -23.11
CA GLY A 1058 9.41 2.05 -24.34
C GLY A 1058 10.83 2.50 -24.09
N PHE A 1059 11.78 1.98 -24.87
CA PHE A 1059 13.18 2.41 -24.80
C PHE A 1059 13.73 2.53 -26.20
N SER A 1060 14.73 3.40 -26.36
CA SER A 1060 15.41 3.53 -27.64
C SER A 1060 16.58 2.57 -27.65
N SER A 1061 16.38 1.44 -28.34
CA SER A 1061 17.48 0.54 -28.71
C SER A 1061 18.23 1.23 -29.82
N ILE A 1062 19.53 0.98 -29.90
CA ILE A 1062 20.43 1.73 -30.79
C ILE A 1062 20.62 3.19 -30.34
N GLN A 1063 21.80 3.48 -29.76
CA GLN A 1063 22.18 4.80 -29.25
C GLN A 1063 23.46 5.28 -29.96
N LEU A 1072 18.85 5.38 -40.69
CA LEU A 1072 19.28 4.34 -39.74
C LEU A 1072 18.74 2.94 -40.04
N ASN A 1073 17.46 2.85 -40.42
CA ASN A 1073 16.79 1.60 -40.80
C ASN A 1073 17.02 0.47 -39.81
N ALA A 1074 16.59 0.71 -38.58
CA ALA A 1074 16.77 -0.26 -37.51
C ALA A 1074 16.11 -1.59 -37.87
N VAL A 1075 16.73 -2.65 -37.38
CA VAL A 1075 16.29 -4.02 -37.58
C VAL A 1075 16.36 -4.62 -36.19
N VAL A 1076 15.32 -5.36 -35.81
CA VAL A 1076 15.17 -5.83 -34.44
C VAL A 1076 14.73 -7.29 -34.43
N ASP A 1077 15.12 -8.02 -33.39
CA ASP A 1077 14.56 -9.34 -33.14
C ASP A 1077 14.65 -9.73 -31.65
N TRP A 1078 13.63 -10.45 -31.21
CA TRP A 1078 13.41 -10.79 -29.80
C TRP A 1078 13.70 -12.26 -29.56
N GLN A 1079 14.51 -12.54 -28.55
CA GLN A 1079 14.86 -13.91 -28.16
C GLN A 1079 14.25 -14.22 -26.79
N GLN A 1080 13.03 -14.74 -26.82
CA GLN A 1080 12.28 -15.10 -25.62
C GLN A 1080 13.08 -15.97 -24.64
N GLN A 1081 13.86 -16.92 -25.16
CA GLN A 1081 14.65 -17.88 -24.38
C GLN A 1081 15.60 -17.21 -23.38
N SER A 1082 16.46 -16.34 -23.89
CA SER A 1082 17.49 -15.65 -23.10
C SER A 1082 17.02 -14.33 -22.49
N GLY A 1083 15.83 -13.88 -22.89
CA GLY A 1083 15.35 -12.56 -22.53
C GLY A 1083 16.09 -11.43 -23.25
N TYR A 1084 16.81 -11.74 -24.33
CA TYR A 1084 17.61 -10.76 -25.07
C TYR A 1084 16.86 -10.17 -26.26
N LEU A 1085 16.94 -8.84 -26.41
CA LEU A 1085 16.54 -8.16 -27.62
C LEU A 1085 17.81 -7.76 -28.35
N TYR A 1086 17.89 -8.16 -29.61
CA TYR A 1086 18.97 -7.76 -30.48
C TYR A 1086 18.45 -6.65 -31.37
N ALA A 1087 19.26 -5.62 -31.54
CA ALA A 1087 18.93 -4.50 -32.42
C ALA A 1087 20.15 -4.01 -33.16
N SER A 1088 19.95 -3.63 -34.42
CA SER A 1088 20.99 -2.94 -35.18
C SER A 1088 20.39 -2.38 -36.47
N GLY A 1089 21.22 -1.93 -37.39
CA GLY A 1089 20.73 -1.46 -38.66
C GLY A 1089 21.89 -0.92 -39.48
N GLU A 1090 21.78 0.33 -39.91
CA GLU A 1090 22.85 0.97 -40.64
C GLU A 1090 23.80 1.58 -39.58
N THR A 1091 24.40 0.67 -38.81
CA THR A 1091 25.30 0.98 -37.70
C THR A 1091 26.44 -0.02 -37.79
N SER A 1092 27.54 0.24 -37.09
CA SER A 1092 28.66 -0.68 -36.98
C SER A 1092 28.49 -1.80 -35.94
N THR A 1093 27.49 -1.69 -35.07
CA THR A 1093 27.31 -2.61 -33.94
C THR A 1093 25.92 -3.24 -33.86
N VAL A 1094 25.87 -4.46 -33.34
CA VAL A 1094 24.62 -5.10 -32.87
C VAL A 1094 24.51 -4.82 -31.37
N THR A 1095 23.45 -4.11 -30.96
CA THR A 1095 23.24 -3.76 -29.55
C THR A 1095 22.40 -4.86 -28.90
N LEU A 1096 22.79 -5.26 -27.69
CA LEU A 1096 22.15 -6.34 -26.96
C LEU A 1096 21.45 -5.81 -25.70
N TRP A 1097 20.12 -5.93 -25.68
CA TRP A 1097 19.31 -5.54 -24.50
C TRP A 1097 18.81 -6.76 -23.73
N ASP A 1098 18.90 -6.71 -22.40
CA ASP A 1098 18.37 -7.74 -21.51
C ASP A 1098 17.11 -7.19 -20.85
N LEU A 1099 15.95 -7.62 -21.33
CA LEU A 1099 14.67 -7.08 -20.86
C LEU A 1099 14.22 -7.52 -19.45
N GLU A 1100 14.89 -8.52 -18.85
CA GLU A 1100 14.71 -8.80 -17.42
C GLU A 1100 15.38 -7.72 -16.59
N LYS A 1101 16.57 -7.31 -16.99
CA LYS A 1101 17.28 -6.20 -16.37
C LYS A 1101 16.84 -4.83 -16.91
N GLU A 1102 16.40 -4.79 -18.16
CA GLU A 1102 16.17 -3.53 -18.89
C GLU A 1102 17.44 -2.68 -18.93
N GLN A 1103 18.52 -3.32 -19.35
CA GLN A 1103 19.83 -2.69 -19.53
C GLN A 1103 20.38 -3.04 -20.90
N LEU A 1104 21.29 -2.20 -21.36
CA LEU A 1104 22.08 -2.48 -22.56
C LEU A 1104 23.28 -3.30 -22.10
N VAL A 1105 23.05 -4.61 -22.04
CA VAL A 1105 24.07 -5.59 -21.60
C VAL A 1105 25.38 -5.57 -22.41
N ARG A 1106 25.32 -5.31 -23.72
CA ARG A 1106 26.46 -5.51 -24.60
C ARG A 1106 26.29 -4.81 -25.94
N SER A 1107 27.37 -4.19 -26.42
CA SER A 1107 27.44 -3.69 -27.81
C SER A 1107 28.50 -4.49 -28.59
N VAL A 1108 28.00 -5.33 -29.50
CA VAL A 1108 28.83 -6.22 -30.31
C VAL A 1108 29.17 -5.55 -31.64
N PRO A 1109 30.47 -5.38 -31.96
CA PRO A 1109 30.81 -4.95 -33.31
C PRO A 1109 30.41 -6.00 -34.35
N SER A 1110 29.70 -5.56 -35.37
CA SER A 1110 29.31 -6.42 -36.48
C SER A 1110 30.53 -6.94 -37.24
N GLU A 1111 31.50 -6.04 -37.42
CA GLU A 1111 32.68 -6.27 -38.25
C GLU A 1111 32.28 -6.56 -39.70
N SER A 1112 31.51 -5.61 -40.25
CA SER A 1112 31.03 -5.62 -41.63
C SER A 1112 31.42 -4.41 -42.49
N GLU A 1113 31.34 -3.21 -41.90
CA GLU A 1113 31.50 -1.95 -42.66
C GLU A 1113 30.39 -1.72 -43.69
N CYS A 1114 29.23 -2.33 -43.46
CA CYS A 1114 27.99 -1.93 -44.12
C CYS A 1114 26.82 -2.35 -43.23
N GLY A 1115 25.62 -1.94 -43.61
CA GLY A 1115 24.47 -2.07 -42.72
C GLY A 1115 23.97 -3.48 -42.53
N VAL A 1116 23.42 -3.74 -41.34
CA VAL A 1116 22.65 -4.95 -41.09
C VAL A 1116 21.24 -4.73 -41.66
N THR A 1117 20.90 -5.52 -42.67
CA THR A 1117 19.61 -5.42 -43.35
C THR A 1117 18.58 -6.34 -42.73
N ALA A 1118 19.02 -7.48 -42.22
CA ALA A 1118 18.13 -8.47 -41.60
C ALA A 1118 18.78 -9.03 -40.36
N LEU A 1119 17.97 -9.53 -39.45
CA LEU A 1119 18.43 -9.94 -38.13
C LEU A 1119 17.49 -11.02 -37.56
N SER A 1120 18.01 -12.23 -37.37
CA SER A 1120 17.22 -13.35 -36.82
C SER A 1120 17.97 -13.94 -35.64
N ALA A 1121 17.30 -14.00 -34.50
CA ALA A 1121 17.81 -14.64 -33.31
C ALA A 1121 17.30 -16.07 -33.28
N SER A 1122 18.14 -16.97 -32.78
CA SER A 1122 17.77 -18.38 -32.67
C SER A 1122 16.80 -18.51 -31.50
N GLN A 1123 15.61 -19.08 -31.76
CA GLN A 1123 14.64 -19.36 -30.70
C GLN A 1123 15.01 -20.58 -29.85
N VAL A 1124 15.82 -21.47 -30.39
CA VAL A 1124 16.26 -22.66 -29.67
C VAL A 1124 17.51 -22.36 -28.83
N HIS A 1125 18.53 -21.76 -29.46
CA HIS A 1125 19.84 -21.54 -28.82
C HIS A 1125 20.05 -20.07 -28.42
N GLY A 1126 19.93 -19.80 -27.12
CA GLY A 1126 20.03 -18.45 -26.58
C GLY A 1126 21.44 -17.90 -26.69
N GLY A 1127 21.54 -16.63 -27.08
CA GLY A 1127 22.82 -15.98 -27.34
C GLY A 1127 23.17 -15.97 -28.82
N GLN A 1128 22.79 -17.01 -29.56
CA GLN A 1128 23.18 -17.16 -30.95
C GLN A 1128 22.25 -16.38 -31.87
N LEU A 1129 22.84 -15.77 -32.91
CA LEU A 1129 22.20 -14.74 -33.73
C LEU A 1129 22.74 -14.77 -35.15
N ALA A 1130 21.84 -14.62 -36.13
CA ALA A 1130 22.21 -14.49 -37.54
C ALA A 1130 21.91 -13.08 -38.02
N ALA A 1131 22.73 -12.60 -38.95
CA ALA A 1131 22.63 -11.22 -39.42
C ALA A 1131 22.86 -11.13 -40.92
N GLY A 1132 21.84 -10.67 -41.64
CA GLY A 1132 21.94 -10.38 -43.07
C GLY A 1132 22.48 -8.97 -43.25
N PHE A 1133 23.26 -8.78 -44.32
CA PHE A 1133 23.92 -7.50 -44.60
C PHE A 1133 23.64 -6.88 -45.97
N ALA A 1134 23.86 -5.56 -46.01
CA ALA A 1134 23.55 -4.72 -47.18
C ALA A 1134 24.32 -5.10 -48.44
N ASP A 1135 25.53 -5.65 -48.26
CA ASP A 1135 26.36 -6.14 -49.36
C ASP A 1135 26.08 -7.60 -49.77
N GLY A 1136 25.13 -8.25 -49.08
CA GLY A 1136 24.83 -9.66 -49.31
C GLY A 1136 25.58 -10.63 -48.41
N SER A 1137 26.40 -10.10 -47.49
CA SER A 1137 27.16 -10.92 -46.59
C SER A 1137 26.26 -11.42 -45.48
N LEU A 1138 26.81 -12.27 -44.62
CA LEU A 1138 26.04 -13.05 -43.66
C LEU A 1138 26.90 -13.52 -42.48
N ARG A 1139 26.50 -13.17 -41.26
CA ARG A 1139 27.32 -13.44 -40.09
C ARG A 1139 26.54 -14.14 -38.97
N LEU A 1140 27.20 -15.14 -38.37
CA LEU A 1140 26.77 -15.72 -37.10
C LEU A 1140 27.44 -14.98 -35.99
N TYR A 1141 26.70 -14.75 -34.91
CA TYR A 1141 27.27 -14.32 -33.65
C TYR A 1141 26.93 -15.34 -32.57
N ASP A 1142 27.81 -15.45 -31.58
CA ASP A 1142 27.42 -15.99 -30.29
C ASP A 1142 27.69 -14.87 -29.30
N VAL A 1143 26.62 -14.18 -28.93
CA VAL A 1143 26.69 -12.95 -28.16
C VAL A 1143 27.17 -13.21 -26.72
N ARG A 1144 27.10 -14.47 -26.27
CA ARG A 1144 27.61 -14.92 -24.98
C ARG A 1144 29.08 -15.38 -25.01
N SER A 1145 29.94 -14.67 -25.75
CA SER A 1145 31.32 -15.13 -26.00
C SER A 1145 32.30 -13.95 -26.10
N PRO A 1146 33.55 -14.13 -25.59
CA PRO A 1146 34.53 -13.03 -25.68
C PRO A 1146 34.81 -12.51 -27.10
N GLU A 1147 34.79 -13.40 -28.08
CA GLU A 1147 34.72 -13.03 -29.51
C GLU A 1147 33.31 -13.40 -30.04
N PRO A 1148 32.42 -12.41 -30.20
CA PRO A 1148 31.07 -12.72 -30.66
C PRO A 1148 30.91 -13.25 -32.09
N LEU A 1149 31.74 -12.77 -33.02
CA LEU A 1149 31.64 -13.20 -34.43
C LEU A 1149 32.11 -14.64 -34.55
N VAL A 1150 31.17 -15.54 -34.81
CA VAL A 1150 31.47 -16.96 -34.97
C VAL A 1150 32.04 -17.22 -36.36
N CYS A 1151 31.31 -16.79 -37.38
CA CYS A 1151 31.74 -16.96 -38.77
C CYS A 1151 31.11 -15.93 -39.70
N ALA A 1152 31.77 -15.70 -40.83
CA ALA A 1152 31.35 -14.71 -41.80
C ALA A 1152 31.51 -15.27 -43.21
N THR A 1153 30.40 -15.28 -43.94
CA THR A 1153 30.31 -15.93 -45.25
C THR A 1153 29.49 -15.05 -46.21
N ARG A 1154 29.77 -15.13 -47.50
CA ARG A 1154 28.93 -14.48 -48.54
C ARG A 1154 27.61 -15.23 -48.78
N PRO A 1155 27.64 -16.39 -49.46
CA PRO A 1155 26.48 -17.02 -50.07
C PRO A 1155 25.42 -16.14 -50.67
N HIS A 1156 24.92 -16.56 -51.84
CA HIS A 1156 24.38 -15.69 -52.92
C HIS A 1156 25.30 -14.52 -53.31
N GLN A 1157 25.73 -14.56 -54.58
CA GLN A 1157 26.93 -13.87 -55.01
C GLN A 1157 26.70 -12.55 -55.74
N LYS A 1158 25.44 -12.12 -55.83
CA LYS A 1158 25.12 -10.77 -56.27
C LYS A 1158 25.28 -9.84 -55.05
N VAL A 1159 25.89 -8.67 -55.26
CA VAL A 1159 26.12 -7.71 -54.17
C VAL A 1159 24.85 -6.88 -53.97
N GLU A 1160 23.86 -7.50 -53.33
CA GLU A 1160 22.58 -6.86 -53.03
C GLU A 1160 22.20 -7.29 -51.64
N ARG A 1161 21.39 -6.47 -50.98
CA ARG A 1161 21.13 -6.67 -49.56
C ARG A 1161 20.34 -7.93 -49.25
N VAL A 1162 20.55 -8.46 -48.04
CA VAL A 1162 19.85 -9.64 -47.56
C VAL A 1162 18.51 -9.15 -47.04
N VAL A 1163 17.46 -9.29 -47.86
CA VAL A 1163 16.14 -8.79 -47.49
C VAL A 1163 15.51 -9.56 -46.31
N GLY A 1164 15.90 -10.82 -46.14
CA GLY A 1164 15.42 -11.60 -45.00
C GLY A 1164 16.27 -12.82 -44.72
N LEU A 1165 16.19 -13.31 -43.48
CA LEU A 1165 16.91 -14.52 -43.05
C LEU A 1165 16.30 -15.17 -41.79
N SER A 1166 16.59 -16.44 -41.58
CA SER A 1166 16.13 -17.16 -40.39
C SER A 1166 16.83 -18.49 -40.18
N PHE A 1167 16.87 -18.94 -38.93
CA PHE A 1167 17.41 -20.27 -38.62
C PHE A 1167 16.44 -21.37 -39.08
N GLN A 1168 16.99 -22.44 -39.68
CA GLN A 1168 16.19 -23.55 -40.19
C GLN A 1168 15.35 -24.16 -39.08
N PRO A 1169 14.08 -24.48 -39.35
CA PRO A 1169 13.25 -25.09 -38.30
C PRO A 1169 13.80 -26.42 -37.75
N GLY A 1170 14.24 -26.41 -36.50
CA GLY A 1170 14.82 -27.58 -35.85
C GLY A 1170 15.67 -27.21 -34.64
N LEU A 1171 16.50 -28.15 -34.20
CA LEU A 1171 17.36 -27.97 -33.02
C LEU A 1171 18.85 -27.85 -33.37
N ASP A 1172 19.15 -27.54 -34.65
CA ASP A 1172 20.52 -27.38 -35.14
C ASP A 1172 20.80 -25.88 -35.38
N PRO A 1173 22.08 -25.46 -35.47
CA PRO A 1173 22.45 -24.13 -36.02
C PRO A 1173 22.69 -24.04 -37.56
N ALA A 1174 21.75 -24.59 -38.33
CA ALA A 1174 21.64 -24.44 -39.79
C ALA A 1174 20.72 -23.25 -40.11
N LYS A 1175 20.63 -22.87 -41.39
CA LYS A 1175 20.07 -21.56 -41.75
C LYS A 1175 19.44 -21.43 -43.15
N VAL A 1176 18.10 -21.40 -43.20
CA VAL A 1176 17.32 -21.17 -44.45
C VAL A 1176 17.75 -19.86 -45.04
N VAL A 1177 17.84 -18.85 -44.18
CA VAL A 1177 18.61 -17.62 -44.38
C VAL A 1177 18.83 -17.16 -45.82
N SER A 1178 19.13 -15.89 -45.97
CA SER A 1178 19.71 -15.38 -47.17
C SER A 1178 18.78 -15.64 -48.34
N ALA A 1179 17.62 -15.01 -48.24
CA ALA A 1179 16.94 -14.52 -49.40
C ALA A 1179 17.62 -13.18 -49.66
N SER A 1180 18.29 -13.07 -50.81
CA SER A 1180 18.83 -11.80 -51.33
C SER A 1180 17.81 -11.16 -52.26
N GLN A 1181 17.85 -9.83 -52.31
CA GLN A 1181 17.02 -9.04 -53.22
C GLN A 1181 17.27 -9.38 -54.69
N ALA A 1182 18.45 -9.89 -55.00
CA ALA A 1182 18.77 -10.48 -56.31
C ALA A 1182 17.80 -11.60 -56.76
N GLY A 1183 17.20 -12.28 -55.79
CA GLY A 1183 16.14 -13.26 -56.06
C GLY A 1183 16.33 -14.67 -55.52
N ASP A 1184 17.52 -14.94 -54.96
CA ASP A 1184 17.90 -16.31 -54.62
C ASP A 1184 17.94 -16.59 -53.12
N ILE A 1185 17.10 -17.54 -52.69
CA ILE A 1185 17.15 -18.08 -51.33
C ILE A 1185 18.27 -19.13 -51.30
N GLN A 1186 19.13 -19.04 -50.30
CA GLN A 1186 20.28 -19.95 -50.18
C GLN A 1186 20.19 -20.71 -48.88
N PHE A 1187 20.38 -22.01 -48.95
CA PHE A 1187 20.34 -22.86 -47.76
C PHE A 1187 21.77 -23.21 -47.42
N LEU A 1188 22.10 -23.21 -46.13
CA LEU A 1188 23.45 -23.51 -45.68
C LEU A 1188 23.46 -23.85 -44.18
N ASP A 1189 24.21 -24.88 -43.82
CA ASP A 1189 24.52 -25.16 -42.41
C ASP A 1189 25.99 -24.85 -42.20
N LEU A 1190 26.26 -24.04 -41.17
CA LEU A 1190 27.59 -23.48 -40.97
C LEU A 1190 28.45 -24.33 -40.02
N ARG A 1191 27.97 -25.52 -39.64
CA ARG A 1191 28.79 -26.50 -38.92
C ARG A 1191 29.85 -27.07 -39.85
N THR A 1192 29.42 -27.57 -41.01
CA THR A 1192 30.27 -28.34 -41.92
C THR A 1192 30.95 -27.50 -43.01
N THR A 1193 30.17 -26.67 -43.70
CA THR A 1193 30.65 -25.97 -44.91
C THR A 1193 30.06 -24.58 -45.09
N ARG A 1194 30.90 -23.69 -45.65
CA ARG A 1194 30.51 -22.31 -45.95
C ARG A 1194 29.53 -22.22 -47.11
N ASP A 1195 29.76 -23.06 -48.12
CA ASP A 1195 28.98 -23.01 -49.36
C ASP A 1195 27.63 -23.67 -49.16
N THR A 1196 26.75 -23.48 -50.14
CA THR A 1196 25.33 -23.70 -49.96
C THR A 1196 24.85 -25.15 -50.18
N TYR A 1197 24.41 -25.75 -49.07
CA TYR A 1197 23.41 -26.84 -49.00
C TYR A 1197 22.53 -26.96 -50.24
N LEU A 1198 21.88 -25.86 -50.62
CA LEU A 1198 20.85 -25.81 -51.65
C LEU A 1198 20.57 -24.35 -52.06
N THR A 1199 20.45 -24.11 -53.35
CA THR A 1199 20.03 -22.82 -53.91
C THR A 1199 18.64 -22.99 -54.51
N ILE A 1200 17.77 -22.00 -54.29
CA ILE A 1200 16.56 -21.88 -55.11
C ILE A 1200 16.46 -20.43 -55.58
N ASP A 1201 16.10 -20.28 -56.86
CA ASP A 1201 16.00 -18.98 -57.52
C ASP A 1201 14.53 -18.63 -57.63
N ALA A 1202 14.00 -18.04 -56.57
CA ALA A 1202 12.59 -17.73 -56.51
C ALA A 1202 12.17 -16.71 -57.57
N HIS A 1203 12.93 -15.62 -57.67
CA HIS A 1203 12.50 -14.44 -58.43
C HIS A 1203 13.63 -13.85 -59.26
N ARG A 1204 13.31 -13.37 -60.45
CA ARG A 1204 14.30 -12.64 -61.27
C ARG A 1204 14.40 -11.23 -60.74
N GLY A 1205 15.30 -11.06 -59.77
CA GLY A 1205 15.48 -9.78 -59.09
C GLY A 1205 14.33 -9.44 -58.16
N SER A 1206 14.55 -8.38 -57.37
CA SER A 1206 13.49 -7.72 -56.63
C SER A 1206 12.78 -8.61 -55.60
N LEU A 1207 13.54 -9.48 -54.93
CA LEU A 1207 13.00 -10.25 -53.82
C LEU A 1207 12.76 -9.27 -52.67
N THR A 1208 11.50 -9.15 -52.29
CA THR A 1208 11.07 -8.10 -51.34
C THR A 1208 10.70 -8.63 -49.95
N ALA A 1209 10.42 -9.94 -49.85
CA ALA A 1209 10.20 -10.57 -48.54
C ALA A 1209 10.49 -12.07 -48.50
N LEU A 1210 10.77 -12.56 -47.29
CA LEU A 1210 11.01 -13.97 -47.00
C LEU A 1210 10.22 -14.36 -45.76
N ALA A 1211 9.67 -15.57 -45.78
CA ALA A 1211 8.98 -16.15 -44.65
C ALA A 1211 9.44 -17.57 -44.49
N VAL A 1212 9.96 -17.87 -43.29
CA VAL A 1212 10.48 -19.18 -42.95
C VAL A 1212 9.72 -19.67 -41.75
N HIS A 1213 9.24 -20.90 -41.81
CA HIS A 1213 8.42 -21.44 -40.73
C HIS A 1213 9.28 -21.71 -39.49
N ARG A 1214 8.61 -21.71 -38.34
CA ARG A 1214 9.25 -22.03 -37.06
C ARG A 1214 9.47 -23.53 -36.81
N HIS A 1215 8.70 -24.39 -37.49
CA HIS A 1215 8.71 -25.83 -37.22
C HIS A 1215 8.44 -26.71 -38.45
N ALA A 1216 7.43 -26.35 -39.24
CA ALA A 1216 7.15 -27.02 -40.50
C ALA A 1216 8.28 -26.82 -41.53
N PRO A 1217 8.67 -27.90 -42.26
CA PRO A 1217 9.67 -27.72 -43.32
C PRO A 1217 9.03 -27.05 -44.53
N ILE A 1218 9.05 -25.71 -44.51
CA ILE A 1218 8.36 -24.91 -45.53
C ILE A 1218 8.82 -23.44 -45.45
N ILE A 1219 8.97 -22.82 -46.62
CA ILE A 1219 9.31 -21.40 -46.71
C ILE A 1219 8.47 -20.74 -47.80
N ALA A 1220 8.44 -19.41 -47.75
CA ALA A 1220 7.77 -18.62 -48.79
C ALA A 1220 8.54 -17.32 -49.04
N SER A 1221 8.58 -16.92 -50.30
CA SER A 1221 9.23 -15.68 -50.71
C SER A 1221 8.23 -14.75 -51.36
N GLY A 1222 8.60 -13.47 -51.39
CA GLY A 1222 7.78 -12.41 -51.98
C GLY A 1222 8.58 -11.66 -53.03
N SER A 1223 7.87 -11.21 -54.05
CA SER A 1223 8.47 -10.52 -55.19
C SER A 1223 7.85 -9.13 -55.29
N ALA A 1224 8.70 -8.16 -55.64
CA ALA A 1224 8.23 -6.81 -55.93
C ALA A 1224 7.60 -6.67 -57.33
N LYS A 1225 7.57 -7.74 -58.12
CA LYS A 1225 6.68 -7.79 -59.29
C LYS A 1225 5.26 -7.87 -58.76
N GLN A 1226 4.70 -9.06 -58.57
CA GLN A 1226 3.38 -9.18 -57.93
C GLN A 1226 3.23 -10.41 -57.03
N LEU A 1227 4.29 -11.20 -56.94
CA LEU A 1227 4.20 -12.64 -56.86
C LEU A 1227 4.65 -13.24 -55.53
N ILE A 1228 4.01 -14.34 -55.11
CA ILE A 1228 4.41 -15.09 -53.92
C ILE A 1228 4.60 -16.56 -54.28
N LYS A 1229 5.84 -17.05 -54.11
CA LYS A 1229 6.17 -18.45 -54.32
C LYS A 1229 6.41 -19.14 -52.98
N VAL A 1230 5.70 -20.24 -52.75
CA VAL A 1230 5.87 -21.09 -51.58
C VAL A 1230 6.75 -22.27 -51.99
N PHE A 1231 7.69 -22.64 -51.12
CA PHE A 1231 8.60 -23.76 -51.35
C PHE A 1231 8.68 -24.72 -50.17
N SER A 1232 9.03 -25.96 -50.48
CA SER A 1232 9.50 -26.92 -49.49
C SER A 1232 10.89 -26.52 -49.01
N LEU A 1233 11.29 -27.09 -47.88
CA LEU A 1233 12.65 -26.94 -47.39
C LEU A 1233 13.65 -27.58 -48.37
N GLN A 1234 13.22 -28.67 -49.02
CA GLN A 1234 14.04 -29.36 -50.02
C GLN A 1234 14.13 -28.62 -51.35
N GLY A 1235 13.12 -27.80 -51.64
CA GLY A 1235 13.11 -26.94 -52.84
C GLY A 1235 11.86 -27.00 -53.71
N GLU A 1236 10.99 -27.98 -53.49
CA GLU A 1236 9.78 -28.17 -54.32
C GLU A 1236 8.89 -26.94 -54.26
N GLN A 1237 8.45 -26.45 -55.42
CA GLN A 1237 7.43 -25.39 -55.47
C GLN A 1237 6.09 -25.94 -54.98
N LEU A 1238 5.72 -25.59 -53.75
CA LEU A 1238 4.45 -26.00 -53.16
C LEU A 1238 3.27 -25.08 -53.54
N GLY A 1239 3.55 -23.83 -53.91
CA GLY A 1239 2.52 -22.93 -54.41
C GLY A 1239 3.05 -21.68 -55.08
N ILE A 1240 2.21 -21.09 -55.94
CA ILE A 1240 2.40 -19.72 -56.43
C ILE A 1240 1.09 -18.96 -56.18
N ILE A 1241 1.22 -17.71 -55.75
CA ILE A 1241 0.09 -16.79 -55.60
C ILE A 1241 0.47 -15.49 -56.30
N ARG A 1242 -0.46 -14.92 -57.07
CA ARG A 1242 -0.27 -13.61 -57.67
C ARG A 1242 -1.22 -12.63 -57.01
N TYR A 1243 -0.64 -11.62 -56.36
CA TYR A 1243 -1.36 -10.52 -55.74
C TYR A 1243 -1.66 -9.57 -56.91
N TYR A 1244 -2.91 -9.52 -57.34
CA TYR A 1244 -3.31 -8.65 -58.45
C TYR A 1244 -3.69 -7.29 -57.88
N PRO A 1245 -3.38 -6.19 -58.62
CA PRO A 1245 -3.77 -4.87 -58.13
C PRO A 1245 -5.24 -4.57 -58.40
N SER A 1246 -5.76 -3.56 -57.69
CA SER A 1246 -7.17 -3.23 -57.71
C SER A 1246 -7.52 -2.04 -58.61
N PHE A 1247 -6.56 -1.12 -58.79
CA PHE A 1247 -6.57 -0.16 -59.91
C PHE A 1247 -5.21 -0.28 -60.63
N MET A 1248 -4.98 0.51 -61.68
CA MET A 1248 -3.82 0.26 -62.57
C MET A 1248 -2.59 1.15 -62.35
N ALA A 1249 -2.23 1.35 -61.09
CA ALA A 1249 -0.90 1.86 -60.74
C ALA A 1249 0.17 0.80 -61.04
N GLN A 1250 -0.22 -0.47 -60.97
CA GLN A 1250 0.70 -1.63 -61.09
C GLN A 1250 1.81 -1.55 -60.05
N LYS A 1251 1.39 -1.28 -58.80
CA LYS A 1251 2.30 -1.08 -57.67
C LYS A 1251 1.98 -2.08 -56.55
N ILE A 1252 2.36 -3.33 -56.81
CA ILE A 1252 2.36 -4.42 -55.84
C ILE A 1252 3.84 -4.78 -55.62
N GLY A 1253 4.63 -3.73 -55.34
CA GLY A 1253 6.09 -3.82 -55.31
C GLY A 1253 6.70 -3.78 -53.92
N SER A 1254 5.86 -3.78 -52.89
CA SER A 1254 6.29 -3.90 -51.50
C SER A 1254 5.52 -5.06 -50.87
N VAL A 1255 5.61 -6.23 -51.50
CA VAL A 1255 5.03 -7.47 -50.95
C VAL A 1255 5.85 -7.75 -49.69
N SER A 1256 5.60 -6.96 -48.65
CA SER A 1256 6.52 -6.82 -47.54
C SER A 1256 6.21 -7.82 -46.45
N CYS A 1257 4.96 -7.85 -46.01
CA CYS A 1257 4.57 -8.78 -44.96
C CYS A 1257 4.35 -10.21 -45.55
N LEU A 1258 5.14 -11.16 -45.05
CA LEU A 1258 4.99 -12.58 -45.33
C LEU A 1258 5.39 -13.30 -44.04
N THR A 1259 4.46 -14.02 -43.45
CA THR A 1259 4.68 -14.58 -42.13
C THR A 1259 3.81 -15.81 -41.89
N PHE A 1260 4.45 -16.89 -41.46
CA PHE A 1260 3.76 -18.15 -41.16
C PHE A 1260 3.26 -18.16 -39.73
N HIS A 1261 2.29 -19.01 -39.47
CA HIS A 1261 1.73 -19.20 -38.14
C HIS A 1261 2.69 -20.10 -37.36
N PRO A 1262 3.01 -19.74 -36.10
CA PRO A 1262 4.00 -20.49 -35.31
C PRO A 1262 3.80 -22.00 -35.25
N TYR A 1263 2.55 -22.42 -35.07
CA TYR A 1263 2.19 -23.83 -34.86
C TYR A 1263 1.20 -24.40 -35.88
N GLN A 1264 0.98 -23.70 -36.99
CA GLN A 1264 0.11 -24.18 -38.06
C GLN A 1264 0.66 -23.75 -39.39
N VAL A 1265 0.35 -24.49 -40.45
CA VAL A 1265 0.84 -24.17 -41.79
C VAL A 1265 -0.14 -23.17 -42.38
N LEU A 1266 0.02 -21.91 -42.00
CA LEU A 1266 -0.89 -20.83 -42.37
C LEU A 1266 -0.07 -19.59 -42.77
N LEU A 1267 -0.22 -19.16 -44.01
CA LEU A 1267 0.54 -18.01 -44.54
C LEU A 1267 -0.27 -16.72 -44.42
N ALA A 1268 0.41 -15.58 -44.42
CA ALA A 1268 -0.23 -14.25 -44.36
C ALA A 1268 0.57 -13.26 -45.19
N ALA A 1269 -0.07 -12.56 -46.12
CA ALA A 1269 0.65 -11.70 -47.09
C ALA A 1269 -0.04 -10.39 -47.48
N GLY A 1270 0.79 -9.35 -47.65
CA GLY A 1270 0.33 -7.98 -47.88
C GLY A 1270 1.37 -7.12 -48.61
N ALA A 1271 0.86 -6.13 -49.35
CA ALA A 1271 1.63 -5.49 -50.42
C ALA A 1271 1.59 -3.96 -50.34
N ALA A 1272 2.04 -3.32 -51.43
CA ALA A 1272 1.95 -1.87 -51.60
C ALA A 1272 0.58 -1.41 -52.11
N ASP A 1273 -0.48 -2.16 -51.77
CA ASP A 1273 -1.86 -1.80 -52.14
C ASP A 1273 -2.65 -1.58 -50.82
N SER A 1274 -3.47 -2.54 -50.38
CA SER A 1274 -4.19 -2.41 -49.08
C SER A 1274 -4.78 -3.70 -48.50
N PHE A 1275 -4.33 -4.88 -48.95
CA PHE A 1275 -5.03 -6.14 -48.65
C PHE A 1275 -4.14 -7.20 -47.98
N VAL A 1276 -4.40 -7.47 -46.69
CA VAL A 1276 -3.72 -8.54 -45.93
C VAL A 1276 -4.51 -9.85 -46.08
N SER A 1277 -4.06 -10.69 -47.02
CA SER A 1277 -4.72 -11.94 -47.35
C SER A 1277 -4.05 -13.14 -46.66
N ILE A 1278 -4.87 -14.11 -46.25
CA ILE A 1278 -4.40 -15.36 -45.62
C ILE A 1278 -4.64 -16.56 -46.53
N TYR A 1279 -3.72 -17.52 -46.51
CA TYR A 1279 -3.83 -18.77 -47.28
C TYR A 1279 -3.52 -19.96 -46.37
N THR A 1280 -3.91 -21.15 -46.81
CA THR A 1280 -3.63 -22.39 -46.09
C THR A 1280 -3.35 -23.56 -47.05
N HIS A 1281 -2.95 -24.71 -46.50
CA HIS A 1281 -2.56 -25.89 -47.28
C HIS A 1281 -3.57 -27.02 -47.17
N ASP A 1282 -4.82 -26.71 -47.53
CA ASP A 1282 -5.90 -27.69 -47.65
C ASP A 1282 -6.21 -28.42 -46.33
N GLU B 13 1.52 10.83 29.32
CA GLU B 13 0.17 11.10 29.93
C GLU B 13 -0.90 10.18 29.33
N SER B 14 -0.62 8.88 29.37
CA SER B 14 -1.45 7.86 28.70
C SER B 14 -2.74 7.55 29.48
N GLN B 15 -3.74 7.06 28.77
CA GLN B 15 -5.04 6.70 29.37
C GLN B 15 -4.93 5.50 30.30
N PHE B 16 -4.37 4.41 29.77
CA PHE B 16 -4.09 3.19 30.56
C PHE B 16 -2.59 3.11 30.84
N GLU B 17 -2.23 2.57 32.00
CA GLU B 17 -0.85 2.60 32.46
C GLU B 17 -0.01 1.47 31.85
N MET B 18 1.15 1.86 31.30
CA MET B 18 2.09 0.95 30.65
C MET B 18 3.24 0.62 31.62
N ASP B 19 3.75 -0.62 31.54
CA ASP B 19 4.91 -1.08 32.32
C ASP B 19 6.10 -1.43 31.42
N ILE B 20 6.86 -0.42 31.00
CA ILE B 20 8.06 -0.63 30.15
C ILE B 20 9.31 -0.87 31.00
#